data_1NO7
#
_entry.id   1NO7
#
_cell.length_a   99.072
_cell.length_b   99.072
_cell.length_c   454.684
_cell.angle_alpha   90.00
_cell.angle_beta   90.00
_cell.angle_gamma   90.00
#
_symmetry.space_group_name_H-M   'P 41 21 2'
#
_entity_poly.entity_id   1
_entity_poly.type   'polypeptide(L)'
_entity_poly.pdbx_seq_one_letter_code
;RLSLEHAIGTVCHPSLMNVDAAVGGLNRDPVEAANPYGAYVAAPAGPAADMQQLFLNAWGQRLAHGRVRWVAEGQMTPEQ
FMQPDNANLALELHPAFDFFVGVADVELPGGDVPPAGPGEIQATWRVVNGNLPLALCPAAFRDARGLELGVGRHAMAPAT
IAAVRGAFDDRNYPAVFYLLQAAIHGSEHVFCALARLVVQCITSYWNNTRCAAFVNDYSLVSYVVTYLGGDLPEECMAVY
RDLVAHVEALAQLVDDFTLTGPELGGQAQAELNHLMRDPALLPPLVWDCDALMRRAALDRHRDCRVSAGGHDPVYAAACN
VATADFNRNDGQLLHNTQARAADAADDRPHRGADWTVHHKIYYYVMVPAFSRGRCCTAGVRFDRVYATLQNMVVPEIAPG
EECPSDPVTDPAHPLHPANLVANTVNAMFHNGRVVVDGPAMLTLQVLAHNMAERTTALLCSAAPDAGANTASTTNMRIFD
GALHAGILLMAPQHLDHTIQNGDYFYPLPVHALFAGADHVANAPNFPPALRDLSRQVPLVPPALGANYFSSIRQPVVQHV
RESAAGENALTYALMAGYFKISPVALHHQLKTGLHPGFGFTVVR
;
_entity_poly.pdbx_strand_id   A,B
#
# COMPACT_ATOMS: atom_id res chain seq x y z
N ALA A 34 2.79 28.66 21.94
CA ALA A 34 2.37 27.23 21.81
C ALA A 34 1.47 27.03 20.58
N ASN A 35 1.25 25.77 20.21
CA ASN A 35 0.41 25.46 19.05
C ASN A 35 -0.91 24.80 19.50
N PRO A 36 -2.00 25.58 19.51
CA PRO A 36 -3.35 25.18 19.91
C PRO A 36 -4.10 24.22 19.01
N TYR A 37 -3.44 23.71 17.97
CA TYR A 37 -4.14 22.81 17.06
C TYR A 37 -5.00 21.78 17.79
N GLY A 38 -4.38 20.80 18.42
CA GLY A 38 -5.20 19.80 19.09
C GLY A 38 -6.10 20.36 20.19
N ALA A 39 -5.80 21.58 20.64
CA ALA A 39 -6.56 22.19 21.73
C ALA A 39 -7.86 22.86 21.36
N TYR A 40 -7.91 23.53 20.21
CA TYR A 40 -9.10 24.24 19.77
C TYR A 40 -10.17 23.41 19.06
N VAL A 41 -11.42 23.87 19.16
CA VAL A 41 -12.54 23.19 18.51
C VAL A 41 -13.52 24.21 17.93
N ALA A 42 -13.54 24.30 16.60
CA ALA A 42 -14.40 25.22 15.88
C ALA A 42 -15.85 24.73 15.73
N ALA A 43 -16.70 25.59 15.20
CA ALA A 43 -18.10 25.24 14.99
C ALA A 43 -18.37 25.17 13.47
N PRO A 44 -19.26 24.26 13.06
CA PRO A 44 -19.65 24.02 11.67
C PRO A 44 -19.70 25.25 10.74
N ALA A 45 -18.87 25.23 9.72
CA ALA A 45 -18.76 26.33 8.76
C ALA A 45 -19.46 26.05 7.41
N GLY A 46 -20.78 25.92 7.44
CA GLY A 46 -21.56 25.68 6.22
C GLY A 46 -21.11 24.60 5.24
N PRO A 47 -20.90 24.97 3.95
CA PRO A 47 -20.47 24.13 2.84
C PRO A 47 -19.48 23.02 3.19
N ALA A 48 -20.02 21.86 3.54
CA ALA A 48 -19.21 20.70 3.91
C ALA A 48 -18.04 20.52 2.95
N ALA A 49 -18.34 20.54 1.66
CA ALA A 49 -17.31 20.36 0.65
C ALA A 49 -16.30 21.51 0.58
N ASP A 50 -16.46 22.51 1.46
CA ASP A 50 -15.54 23.64 1.48
C ASP A 50 -14.76 23.63 2.78
N MET A 51 -15.46 23.25 3.85
CA MET A 51 -14.93 23.15 5.19
C MET A 51 -13.41 22.93 5.24
N GLN A 52 -13.00 21.71 4.88
CA GLN A 52 -11.59 21.33 4.87
C GLN A 52 -10.64 22.37 4.27
N GLN A 53 -11.12 23.17 3.31
CA GLN A 53 -10.25 24.18 2.69
C GLN A 53 -10.20 25.44 3.54
N LEU A 54 -11.37 25.88 3.97
CA LEU A 54 -11.49 27.06 4.82
C LEU A 54 -10.50 26.87 5.97
N PHE A 55 -10.26 25.60 6.32
CA PHE A 55 -9.35 25.18 7.39
C PHE A 55 -7.88 25.44 7.04
N LEU A 56 -7.34 24.73 6.06
CA LEU A 56 -5.93 24.91 5.68
C LEU A 56 -5.57 26.32 5.22
N ASN A 57 -6.52 27.25 5.27
CA ASN A 57 -6.22 28.60 4.83
C ASN A 57 -6.20 29.58 5.98
N ALA A 58 -6.48 29.09 7.18
CA ALA A 58 -6.49 29.93 8.36
C ALA A 58 -5.51 29.38 9.40
N TRP A 59 -5.20 28.10 9.26
CA TRP A 59 -4.28 27.43 10.17
C TRP A 59 -3.03 27.00 9.44
N GLY A 60 -2.80 27.57 8.26
CA GLY A 60 -1.62 27.20 7.51
C GLY A 60 -0.38 27.62 8.28
N GLN A 61 -0.49 28.78 8.90
CA GLN A 61 0.62 29.33 9.67
C GLN A 61 0.68 28.62 11.00
N ARG A 62 -0.39 28.78 11.79
CA ARG A 62 -0.48 28.14 13.10
C ARG A 62 0.14 26.74 13.11
N LEU A 63 -0.03 26.00 12.02
CA LEU A 63 0.50 24.64 11.90
C LEU A 63 1.98 24.55 11.58
N ALA A 64 2.40 25.09 10.45
CA ALA A 64 3.80 25.04 10.05
C ALA A 64 4.73 25.72 11.06
N HIS A 65 4.19 26.67 11.81
CA HIS A 65 4.97 27.40 12.80
C HIS A 65 5.24 26.54 14.03
N GLY A 66 4.42 26.73 15.07
CA GLY A 66 4.60 25.97 16.30
C GLY A 66 4.70 24.47 16.06
N ARG A 67 4.96 23.72 17.12
CA ARG A 67 5.05 22.26 17.00
C ARG A 67 3.87 21.61 17.71
N VAL A 68 3.50 20.40 17.30
CA VAL A 68 2.38 19.70 17.93
C VAL A 68 2.87 18.62 18.87
N ARG A 69 2.27 18.61 20.06
CA ARG A 69 2.63 17.67 21.11
C ARG A 69 2.07 16.26 20.88
N TRP A 70 0.74 16.12 21.00
CA TRP A 70 0.07 14.81 20.87
C TRP A 70 0.58 13.97 19.70
N VAL A 71 0.89 14.63 18.59
CA VAL A 71 1.39 13.90 17.43
C VAL A 71 2.84 13.52 17.70
N ALA A 72 3.04 12.40 18.41
CA ALA A 72 4.39 11.92 18.73
C ALA A 72 4.38 10.45 19.15
N ALA A 90 5.39 16.01 29.49
CA ALA A 90 5.73 17.18 30.28
C ALA A 90 4.66 17.46 31.32
N LEU A 91 3.40 17.40 30.90
CA LEU A 91 2.28 17.64 31.80
C LEU A 91 1.49 16.38 32.06
N GLU A 92 2.19 15.26 32.19
CA GLU A 92 1.51 14.00 32.48
C GLU A 92 1.26 13.92 34.00
N LEU A 93 0.45 14.85 34.49
CA LEU A 93 0.14 14.90 35.90
C LEU A 93 -0.77 13.74 36.37
N HIS A 94 -1.67 13.26 35.52
CA HIS A 94 -2.55 12.17 35.99
C HIS A 94 -3.03 11.27 34.87
N PRO A 95 -3.14 9.96 35.16
CA PRO A 95 -3.60 8.94 34.20
C PRO A 95 -5.00 9.21 33.64
N ALA A 96 -5.99 9.26 34.51
CA ALA A 96 -7.35 9.49 34.06
C ALA A 96 -7.55 10.83 33.36
N PHE A 97 -6.49 11.59 33.11
CA PHE A 97 -6.70 12.87 32.44
C PHE A 97 -5.64 13.26 31.43
N ASP A 98 -5.93 14.31 30.69
CA ASP A 98 -5.00 14.85 29.70
C ASP A 98 -4.87 16.34 30.02
N PHE A 99 -3.64 16.78 30.30
CA PHE A 99 -3.38 18.18 30.64
C PHE A 99 -2.64 18.81 29.49
N PHE A 100 -3.19 19.91 28.97
CA PHE A 100 -2.57 20.56 27.83
C PHE A 100 -2.72 22.07 27.92
N VAL A 101 -1.93 22.76 27.11
CA VAL A 101 -1.93 24.22 27.05
C VAL A 101 -3.27 24.66 26.45
N GLY A 102 -4.23 24.92 27.33
CA GLY A 102 -5.54 25.35 26.86
C GLY A 102 -5.52 26.61 26.03
N VAL A 103 -6.36 26.97 25.75
CA VAL A 103 -6.93 28.23 25.30
C VAL A 103 -7.64 28.94 26.44
N ALA A 104 -7.31 30.19 26.57
CA ALA A 104 -7.97 30.93 27.63
C ALA A 104 -9.29 31.42 28.22
N ASP A 105 -9.90 32.25 27.37
CA ASP A 105 -11.17 32.83 27.62
C ASP A 105 -12.22 32.31 26.66
N VAL A 106 -12.15 31.68 25.75
CA VAL A 106 -12.99 31.17 24.67
C VAL A 106 -13.85 30.01 25.15
N GLU A 107 -15.15 30.05 24.69
CA GLU A 107 -16.12 28.99 24.94
C GLU A 107 -15.86 27.98 23.82
N LEU A 108 -14.97 27.04 24.09
CA LEU A 108 -14.58 26.02 23.11
C LEU A 108 -15.56 25.64 22.01
N PRO A 109 -16.82 25.29 22.36
CA PRO A 109 -17.79 24.91 21.32
C PRO A 109 -17.71 25.65 19.97
N GLY A 110 -17.57 26.98 20.01
CA GLY A 110 -17.51 27.75 18.77
C GLY A 110 -16.17 28.37 18.39
N GLY A 111 -16.22 29.49 17.67
CA GLY A 111 -15.01 30.19 17.24
C GLY A 111 -14.38 29.65 15.97
N ASP A 112 -14.00 30.55 15.06
CA ASP A 112 -13.37 30.18 13.78
C ASP A 112 -11.87 29.93 13.91
N VAL A 113 -11.22 30.77 14.72
CA VAL A 113 -9.78 30.67 14.97
C VAL A 113 -9.53 31.07 16.43
N PRO A 114 -8.51 30.47 17.07
CA PRO A 114 -8.16 30.76 18.46
C PRO A 114 -7.75 32.21 18.70
N PRO A 115 -8.56 32.96 19.46
CA PRO A 115 -8.29 34.37 19.78
C PRO A 115 -6.93 34.54 20.47
N ALA A 116 -5.86 34.33 19.70
CA ALA A 116 -4.49 34.44 20.19
C ALA A 116 -4.38 35.26 21.46
N GLY A 117 -3.78 34.69 22.51
CA GLY A 117 -3.63 35.42 23.75
C GLY A 117 -3.12 34.63 24.94
N PRO A 118 -3.69 34.89 26.14
CA PRO A 118 -3.32 34.23 27.40
C PRO A 118 -3.59 32.73 27.37
N GLY A 119 -2.63 31.97 26.88
CA GLY A 119 -2.80 30.53 26.83
C GLY A 119 -2.80 29.90 28.21
N GLU A 120 -3.97 29.55 28.72
CA GLU A 120 -4.06 28.93 30.04
C GLU A 120 -3.80 27.43 29.88
N ILE A 121 -4.01 26.68 30.95
CA ILE A 121 -3.75 25.25 30.92
C ILE A 121 -4.97 24.46 31.39
N GLN A 122 -5.56 23.71 30.46
CA GLN A 122 -6.75 22.93 30.77
C GLN A 122 -6.43 21.45 30.82
N ALA A 123 -7.42 20.69 31.27
CA ALA A 123 -7.27 19.26 31.36
C ALA A 123 -8.59 18.61 30.96
N THR A 124 -8.48 17.54 30.19
CA THR A 124 -9.62 16.80 29.69
C THR A 124 -9.56 15.36 30.21
N TRP A 125 -10.74 14.76 30.40
CA TRP A 125 -10.83 13.40 30.91
C TRP A 125 -10.63 12.26 29.91
N ARG A 126 -9.43 11.71 29.78
CA ARG A 126 -9.22 10.57 28.86
C ARG A 126 -10.39 9.65 29.18
N VAL A 127 -11.16 9.28 28.17
CA VAL A 127 -12.34 8.49 28.45
C VAL A 127 -12.11 6.99 28.46
N VAL A 128 -11.68 6.44 27.34
CA VAL A 128 -11.43 5.02 27.32
C VAL A 128 -10.04 4.83 27.85
N ASN A 129 -9.76 3.62 28.33
CA ASN A 129 -8.45 3.33 28.84
C ASN A 129 -7.49 3.38 27.66
N GLY A 130 -8.03 3.17 26.46
CA GLY A 130 -7.19 3.19 25.28
C GLY A 130 -6.46 4.51 25.08
N ASN A 131 -6.94 5.56 25.74
CA ASN A 131 -6.34 6.87 25.60
C ASN A 131 -5.06 7.15 26.40
N LEU A 132 -4.64 6.24 27.26
CA LEU A 132 -3.42 6.45 28.03
C LEU A 132 -2.27 6.42 27.04
N PRO A 133 -1.44 7.47 27.02
CA PRO A 133 -0.30 7.53 26.08
C PRO A 133 0.45 6.21 26.00
N LEU A 134 1.03 5.96 24.84
CA LEU A 134 1.75 4.73 24.62
C LEU A 134 2.93 4.58 25.55
N ALA A 135 3.32 5.68 26.18
CA ALA A 135 4.41 5.66 27.14
C ALA A 135 3.90 4.80 28.30
N LEU A 136 2.99 5.37 29.10
CA LEU A 136 2.40 4.67 30.24
C LEU A 136 1.83 3.31 29.85
N CYS A 137 1.29 3.20 28.63
CA CYS A 137 0.70 1.93 28.18
C CYS A 137 1.26 1.55 26.82
N PRO A 138 2.27 0.66 26.79
CA PRO A 138 2.96 0.18 25.59
C PRO A 138 2.00 -0.43 24.61
N ALA A 139 2.30 -0.26 23.32
CA ALA A 139 1.48 -0.83 22.25
C ALA A 139 1.62 -2.35 22.42
N ALA A 140 2.86 -2.79 22.35
CA ALA A 140 3.22 -4.20 22.49
C ALA A 140 2.35 -4.86 23.58
N PHE A 141 2.00 -4.10 24.61
CA PHE A 141 1.17 -4.65 25.68
C PHE A 141 -0.25 -4.83 25.15
N ARG A 142 -0.93 -3.71 24.88
CA ARG A 142 -2.31 -3.76 24.41
C ARG A 142 -2.51 -4.82 23.34
N ASP A 143 -1.52 -4.99 22.47
CA ASP A 143 -1.60 -6.03 21.44
C ASP A 143 -1.76 -7.36 22.18
N ALA A 144 -0.74 -7.69 23.00
CA ALA A 144 -0.76 -8.92 23.77
C ALA A 144 -2.12 -9.09 24.48
N ARG A 145 -2.64 -7.99 25.03
CA ARG A 145 -3.93 -8.01 25.73
C ARG A 145 -5.02 -8.61 24.83
N GLY A 146 -5.23 -7.98 23.68
CA GLY A 146 -6.23 -8.49 22.75
C GLY A 146 -5.92 -9.91 22.35
N LEU A 147 -4.64 -10.19 22.10
CA LEU A 147 -4.22 -11.53 21.69
C LEU A 147 -4.73 -12.63 22.62
N GLU A 148 -4.47 -12.48 23.91
CA GLU A 148 -4.92 -13.46 24.88
C GLU A 148 -6.43 -13.33 24.98
N LEU A 149 -6.91 -12.12 24.72
CA LEU A 149 -8.33 -11.83 24.76
C LEU A 149 -9.04 -12.59 23.64
N GLY A 150 -8.32 -12.78 22.55
CA GLY A 150 -8.87 -13.48 21.41
C GLY A 150 -9.17 -14.95 21.66
N VAL A 151 -8.14 -15.73 21.99
CA VAL A 151 -8.30 -17.17 22.23
C VAL A 151 -9.66 -17.54 22.81
N GLY A 152 -10.39 -18.40 22.09
CA GLY A 152 -11.70 -18.82 22.57
C GLY A 152 -12.86 -18.00 22.01
N ARG A 153 -12.55 -17.03 21.15
CA ARG A 153 -13.57 -16.19 20.54
C ARG A 153 -13.37 -16.19 19.02
N HIS A 154 -14.37 -15.67 18.31
CA HIS A 154 -14.36 -15.60 16.85
C HIS A 154 -12.99 -15.25 16.22
N ALA A 155 -12.78 -15.72 14.99
CA ALA A 155 -11.51 -15.44 14.33
C ALA A 155 -11.55 -15.54 12.80
N MET A 156 -11.70 -14.38 12.16
CA MET A 156 -11.75 -14.28 10.70
C MET A 156 -10.68 -15.22 10.08
N ALA A 157 -11.12 -16.11 9.20
CA ALA A 157 -10.20 -17.06 8.57
C ALA A 157 -9.18 -16.38 7.64
N PRO A 158 -8.04 -17.04 7.39
CA PRO A 158 -6.99 -16.48 6.52
C PRO A 158 -7.62 -15.80 5.32
N ALA A 159 -8.44 -16.57 4.61
CA ALA A 159 -9.14 -16.09 3.43
C ALA A 159 -9.75 -14.71 3.69
N THR A 160 -10.86 -14.69 4.41
CA THR A 160 -11.55 -13.44 4.71
C THR A 160 -10.63 -12.26 5.00
N ILE A 161 -9.48 -12.50 5.60
CA ILE A 161 -8.59 -11.39 5.90
C ILE A 161 -7.94 -10.89 4.62
N ALA A 162 -7.21 -11.79 3.95
CA ALA A 162 -6.53 -11.45 2.71
C ALA A 162 -7.54 -10.80 1.75
N ALA A 163 -8.76 -11.33 1.73
CA ALA A 163 -9.81 -10.78 0.87
C ALA A 163 -10.09 -9.33 1.22
N VAL A 164 -10.55 -9.09 2.45
CA VAL A 164 -10.86 -7.73 2.88
C VAL A 164 -9.67 -6.78 2.92
N ARG A 165 -8.53 -7.27 3.42
CA ARG A 165 -7.38 -6.39 3.47
C ARG A 165 -7.19 -5.96 2.02
N GLY A 166 -6.86 -6.95 1.18
CA GLY A 166 -6.67 -6.70 -0.25
C GLY A 166 -7.57 -5.59 -0.77
N ALA A 167 -8.87 -5.70 -0.52
CA ALA A 167 -9.81 -4.67 -0.96
C ALA A 167 -9.23 -3.32 -0.54
N PHE A 168 -8.97 -3.17 0.76
CA PHE A 168 -8.43 -1.93 1.32
C PHE A 168 -7.08 -1.47 0.78
N ASP A 169 -6.21 -2.42 0.43
CA ASP A 169 -4.90 -2.09 -0.08
C ASP A 169 -4.88 -1.93 -1.60
N ASP A 170 -5.99 -2.24 -2.26
CA ASP A 170 -6.07 -2.13 -3.72
C ASP A 170 -6.16 -0.66 -4.17
N ARG A 171 -5.10 -0.23 -4.88
CA ARG A 171 -5.00 1.12 -5.41
C ARG A 171 -5.80 1.26 -6.70
N ASN A 172 -6.19 0.13 -7.29
CA ASN A 172 -6.95 0.10 -8.54
C ASN A 172 -8.39 -0.31 -8.31
N TYR A 173 -8.82 -0.29 -7.05
CA TYR A 173 -10.18 -0.66 -6.68
C TYR A 173 -11.18 0.12 -7.54
N PRO A 174 -11.97 -0.60 -8.36
CA PRO A 174 -12.95 0.01 -9.25
C PRO A 174 -13.68 1.20 -8.62
N ALA A 175 -13.42 2.38 -9.18
CA ALA A 175 -14.04 3.59 -8.70
C ALA A 175 -15.56 3.44 -8.68
N VAL A 176 -16.10 2.94 -9.79
CA VAL A 176 -17.54 2.74 -9.92
C VAL A 176 -18.22 2.41 -8.58
N PHE A 177 -17.65 1.43 -7.87
CA PHE A 177 -18.15 0.98 -6.57
C PHE A 177 -18.45 2.14 -5.61
N TYR A 178 -17.57 3.13 -5.55
CA TYR A 178 -17.81 4.27 -4.67
C TYR A 178 -19.07 5.00 -5.14
N LEU A 179 -19.10 5.40 -6.42
CA LEU A 179 -20.27 6.11 -6.95
C LEU A 179 -21.51 5.27 -6.68
N LEU A 180 -21.41 3.95 -6.92
CA LEU A 180 -22.55 3.06 -6.68
C LEU A 180 -22.95 3.20 -5.22
N GLN A 181 -21.99 2.97 -4.32
CA GLN A 181 -22.19 3.08 -2.87
C GLN A 181 -22.81 4.45 -2.56
N ALA A 182 -22.25 5.48 -3.18
CA ALA A 182 -22.76 6.83 -2.98
C ALA A 182 -24.26 6.85 -3.33
N ALA A 183 -24.60 6.35 -4.52
CA ALA A 183 -25.98 6.28 -5.00
C ALA A 183 -26.83 5.41 -4.07
N ILE A 184 -26.26 4.28 -3.68
CA ILE A 184 -26.94 3.29 -2.76
C ILE A 184 -26.71 3.70 -1.38
N HIS A 185 -26.99 4.99 -1.11
CA HIS A 185 -26.72 5.71 0.17
C HIS A 185 -27.21 5.09 1.47
N GLY A 186 -26.81 3.85 1.77
CA GLY A 186 -27.28 3.22 2.99
C GLY A 186 -28.71 2.71 2.83
N SER A 187 -29.43 3.19 1.80
CA SER A 187 -30.80 2.73 1.56
C SER A 187 -30.90 1.23 1.29
N GLU A 188 -31.68 0.55 2.13
CA GLU A 188 -31.89 -0.89 2.00
C GLU A 188 -32.80 -1.08 0.79
N HIS A 189 -33.84 -0.25 0.73
CA HIS A 189 -34.82 -0.23 -0.37
C HIS A 189 -34.05 -0.22 -1.69
N VAL A 190 -33.15 0.75 -1.82
CA VAL A 190 -32.36 0.86 -3.04
C VAL A 190 -31.36 -0.27 -3.20
N PHE A 191 -30.75 -0.71 -2.11
CA PHE A 191 -29.79 -1.80 -2.26
C PHE A 191 -30.57 -2.93 -2.92
N CYS A 192 -31.83 -3.10 -2.53
CA CYS A 192 -32.62 -4.15 -3.11
C CYS A 192 -32.87 -3.95 -4.60
N ALA A 193 -33.14 -2.72 -5.01
CA ALA A 193 -33.35 -2.46 -6.43
C ALA A 193 -32.11 -2.93 -7.20
N LEU A 194 -31.04 -2.16 -7.10
CA LEU A 194 -29.79 -2.48 -7.79
C LEU A 194 -29.19 -3.83 -7.38
N ALA A 195 -29.95 -4.58 -6.58
CA ALA A 195 -29.50 -5.89 -6.11
C ALA A 195 -28.85 -6.69 -7.25
N ARG A 196 -29.54 -6.78 -8.39
CA ARG A 196 -28.99 -7.51 -9.53
C ARG A 196 -27.63 -6.93 -9.88
N LEU A 197 -27.65 -5.63 -10.16
CA LEU A 197 -26.44 -4.90 -10.52
C LEU A 197 -25.28 -5.21 -9.60
N VAL A 198 -25.54 -5.05 -8.30
CA VAL A 198 -24.53 -5.31 -7.28
C VAL A 198 -23.94 -6.71 -7.38
N VAL A 199 -24.80 -7.72 -7.31
CA VAL A 199 -24.34 -9.09 -7.37
C VAL A 199 -23.30 -9.22 -8.48
N GLN A 200 -23.51 -8.47 -9.56
CA GLN A 200 -22.59 -8.51 -10.68
C GLN A 200 -21.21 -7.94 -10.31
N CYS A 201 -21.19 -6.69 -9.86
CA CYS A 201 -19.94 -6.02 -9.45
C CYS A 201 -19.15 -6.91 -8.52
N ILE A 202 -19.79 -7.32 -7.44
CA ILE A 202 -19.11 -8.15 -6.47
C ILE A 202 -18.49 -9.40 -7.12
N THR A 203 -19.31 -10.15 -7.87
CA THR A 203 -18.79 -11.37 -8.50
C THR A 203 -17.70 -10.99 -9.46
N SER A 204 -17.99 -9.98 -10.26
CA SER A 204 -17.04 -9.45 -11.23
C SER A 204 -15.69 -9.26 -10.51
N TYR A 205 -15.67 -8.29 -9.60
CA TYR A 205 -14.47 -7.96 -8.83
C TYR A 205 -13.84 -9.20 -8.16
N TRP A 206 -14.67 -9.99 -7.48
CA TRP A 206 -14.17 -11.18 -6.81
C TRP A 206 -13.40 -12.09 -7.77
N ASN A 207 -13.93 -12.29 -8.95
CA ASN A 207 -13.25 -13.17 -9.89
C ASN A 207 -11.93 -12.57 -10.37
N ASN A 208 -11.87 -11.25 -10.43
CA ASN A 208 -10.65 -10.56 -10.89
C ASN A 208 -9.54 -10.61 -9.85
N THR A 209 -9.93 -10.48 -8.58
CA THR A 209 -9.00 -10.48 -7.44
C THR A 209 -9.83 -10.81 -6.22
N ARG A 210 -9.60 -11.98 -5.66
CA ARG A 210 -10.38 -12.41 -4.49
C ARG A 210 -10.44 -11.30 -3.42
N CYS A 211 -11.38 -10.36 -3.59
CA CYS A 211 -11.53 -9.23 -2.66
C CYS A 211 -12.98 -8.80 -2.45
N ALA A 212 -13.35 -8.65 -1.19
CA ALA A 212 -14.72 -8.25 -0.85
C ALA A 212 -15.01 -6.93 -1.55
N ALA A 213 -16.11 -6.91 -2.29
CA ALA A 213 -16.53 -5.75 -3.05
C ALA A 213 -16.75 -4.45 -2.26
N PHE A 214 -17.72 -4.38 -1.35
CA PHE A 214 -17.94 -3.11 -0.67
C PHE A 214 -17.60 -2.97 0.84
N VAL A 215 -16.53 -3.65 1.29
CA VAL A 215 -16.12 -3.60 2.71
C VAL A 215 -15.98 -2.19 3.33
N ASN A 216 -15.91 -1.15 2.50
CA ASN A 216 -15.76 0.20 3.03
C ASN A 216 -17.09 0.81 3.55
N ASP A 217 -18.14 -0.02 3.57
CA ASP A 217 -19.45 0.44 4.04
C ASP A 217 -20.19 -0.70 4.76
N TYR A 218 -20.45 -0.55 6.05
CA TYR A 218 -21.12 -1.61 6.77
C TYR A 218 -22.53 -1.90 6.27
N SER A 219 -23.32 -0.85 6.11
CA SER A 219 -24.69 -1.02 5.63
C SER A 219 -24.75 -1.99 4.46
N LEU A 220 -23.89 -1.78 3.46
CA LEU A 220 -23.87 -2.68 2.33
C LEU A 220 -23.46 -4.04 2.83
N VAL A 221 -22.24 -4.16 3.33
CA VAL A 221 -21.77 -5.44 3.86
C VAL A 221 -22.88 -6.11 4.64
N SER A 222 -23.65 -5.32 5.39
CA SER A 222 -24.75 -5.87 6.18
C SER A 222 -25.69 -6.61 5.24
N TYR A 223 -26.22 -5.90 4.24
CA TYR A 223 -27.12 -6.44 3.21
C TYR A 223 -26.54 -7.67 2.50
N VAL A 224 -25.41 -7.48 1.82
CA VAL A 224 -24.73 -8.57 1.14
C VAL A 224 -24.73 -9.87 1.96
N VAL A 225 -24.98 -9.74 3.26
CA VAL A 225 -25.04 -10.91 4.11
C VAL A 225 -26.52 -11.28 4.23
N THR A 226 -27.34 -10.28 4.50
CA THR A 226 -28.78 -10.49 4.64
C THR A 226 -29.36 -11.18 3.41
N TYR A 227 -29.05 -10.68 2.34
CA TYR A 227 -29.65 -11.13 1.07
C TYR A 227 -29.37 -11.69 -0.31
N LEU A 228 -28.09 -11.77 -0.62
CA LEU A 228 -27.75 -12.35 -1.94
C LEU A 228 -27.20 -13.71 -1.56
N GLY A 229 -28.12 -14.56 -0.90
CA GLY A 229 -27.73 -15.84 -0.36
C GLY A 229 -26.95 -16.67 -1.37
N GLY A 230 -27.69 -17.34 -2.23
CA GLY A 230 -27.04 -18.16 -3.25
C GLY A 230 -26.75 -17.38 -4.51
N ASP A 231 -26.51 -16.07 -4.37
CA ASP A 231 -26.22 -15.23 -5.52
C ASP A 231 -24.73 -14.97 -5.77
N LEU A 232 -23.90 -15.12 -4.73
CA LEU A 232 -22.47 -14.93 -4.91
C LEU A 232 -21.77 -16.25 -4.70
N PRO A 233 -20.63 -16.45 -5.37
CA PRO A 233 -19.84 -17.67 -5.27
C PRO A 233 -19.65 -18.05 -3.79
N GLU A 234 -19.60 -19.35 -3.51
CA GLU A 234 -19.46 -19.80 -2.12
C GLU A 234 -18.30 -19.12 -1.41
N GLU A 235 -17.08 -19.53 -1.77
CA GLU A 235 -15.85 -19.00 -1.19
C GLU A 235 -15.95 -17.50 -0.93
N CYS A 236 -16.72 -16.83 -1.78
CA CYS A 236 -16.88 -15.40 -1.65
C CYS A 236 -17.93 -14.95 -0.62
N MET A 237 -19.13 -15.52 -0.65
CA MET A 237 -20.13 -15.08 0.32
C MET A 237 -19.54 -15.28 1.68
N ALA A 238 -18.75 -16.35 1.81
CA ALA A 238 -18.07 -16.70 3.05
C ALA A 238 -17.55 -15.41 3.69
N VAL A 239 -16.61 -14.78 3.01
CA VAL A 239 -16.02 -13.54 3.46
C VAL A 239 -17.05 -12.59 4.08
N TYR A 240 -17.94 -12.06 3.25
CA TYR A 240 -18.96 -11.14 3.76
C TYR A 240 -19.63 -11.58 5.08
N ARG A 241 -19.89 -12.89 5.20
CA ARG A 241 -20.53 -13.43 6.40
C ARG A 241 -19.52 -13.31 7.54
N ASP A 242 -18.37 -13.96 7.35
CA ASP A 242 -17.29 -13.95 8.34
C ASP A 242 -17.13 -12.55 8.91
N LEU A 243 -17.09 -11.54 8.04
CA LEU A 243 -16.93 -10.18 8.48
C LEU A 243 -17.94 -9.87 9.58
N VAL A 244 -19.22 -9.93 9.25
CA VAL A 244 -20.25 -9.65 10.24
C VAL A 244 -20.17 -10.59 11.45
N ALA A 245 -19.80 -11.84 11.19
CA ALA A 245 -19.68 -12.85 12.25
C ALA A 245 -18.70 -12.38 13.34
N HIS A 246 -17.71 -11.58 12.91
CA HIS A 246 -16.69 -11.04 13.80
C HIS A 246 -17.33 -9.87 14.54
N VAL A 247 -17.72 -8.85 13.79
CA VAL A 247 -18.35 -7.69 14.39
C VAL A 247 -19.44 -8.14 15.35
N GLU A 248 -19.91 -9.38 15.19
CA GLU A 248 -20.93 -9.88 16.09
C GLU A 248 -20.27 -10.26 17.42
N ALA A 249 -19.08 -10.85 17.36
CA ALA A 249 -18.36 -11.25 18.57
C ALA A 249 -17.84 -10.04 19.31
N LEU A 250 -17.24 -9.10 18.59
CA LEU A 250 -16.72 -7.90 19.22
C LEU A 250 -17.82 -7.22 20.02
N ALA A 251 -19.05 -7.37 19.56
CA ALA A 251 -20.18 -6.74 20.26
C ALA A 251 -20.39 -7.47 21.58
N GLN A 252 -20.37 -8.81 21.51
CA GLN A 252 -20.57 -9.65 22.68
C GLN A 252 -19.53 -9.37 23.76
N LEU A 253 -18.32 -9.02 23.34
CA LEU A 253 -17.24 -8.74 24.28
C LEU A 253 -17.67 -7.78 25.38
N VAL A 254 -18.35 -6.69 25.02
CA VAL A 254 -18.80 -5.75 26.04
C VAL A 254 -19.65 -6.44 27.10
N ASP A 255 -20.72 -7.11 26.68
CA ASP A 255 -21.59 -7.79 27.64
C ASP A 255 -20.82 -8.84 28.45
N ASP A 256 -19.72 -9.34 27.89
CA ASP A 256 -18.89 -10.33 28.57
C ASP A 256 -18.12 -9.77 29.76
N PHE A 257 -17.98 -8.44 29.80
CA PHE A 257 -17.27 -7.76 30.86
C PHE A 257 -18.09 -6.60 31.41
N THR A 258 -19.40 -6.83 31.54
CA THR A 258 -20.31 -5.86 32.14
C THR A 258 -21.11 -6.71 33.12
N LEU A 259 -21.66 -6.10 34.16
CA LEU A 259 -22.41 -6.86 35.14
C LEU A 259 -23.90 -6.69 34.97
N THR A 260 -24.61 -7.80 35.09
CA THR A 260 -26.06 -7.82 34.95
C THR A 260 -26.75 -7.33 36.20
N GLY A 261 -27.07 -6.03 36.23
CA GLY A 261 -27.72 -5.45 37.40
C GLY A 261 -28.69 -4.32 37.11
N PRO A 262 -28.65 -3.23 37.90
CA PRO A 262 -29.52 -2.05 37.77
C PRO A 262 -29.30 -1.22 36.50
N GLU A 263 -29.93 -0.05 36.46
CA GLU A 263 -29.82 0.86 35.33
C GLU A 263 -29.48 2.26 35.84
N LEU A 264 -28.18 2.54 35.92
CA LEU A 264 -27.68 3.81 36.42
C LEU A 264 -27.90 4.96 35.42
N GLY A 265 -28.46 6.06 35.90
CA GLY A 265 -28.69 7.24 35.08
C GLY A 265 -29.47 7.05 33.80
N GLY A 266 -30.52 6.22 33.84
CA GLY A 266 -31.33 5.99 32.66
C GLY A 266 -30.54 5.38 31.51
N GLN A 267 -29.31 4.98 31.80
CA GLN A 267 -28.43 4.36 30.81
C GLN A 267 -27.95 2.99 31.31
N ALA A 268 -28.24 1.94 30.55
CA ALA A 268 -27.84 0.58 30.91
C ALA A 268 -26.37 0.56 31.32
N GLN A 269 -25.99 -0.47 32.04
CA GLN A 269 -24.61 -0.55 32.49
C GLN A 269 -23.60 -0.48 31.35
N ALA A 270 -23.75 -1.36 30.36
CA ALA A 270 -22.81 -1.40 29.24
C ALA A 270 -22.51 0.01 28.67
N GLU A 271 -23.51 0.90 28.69
CA GLU A 271 -23.32 2.24 28.16
C GLU A 271 -22.35 3.05 29.01
N LEU A 272 -22.20 2.63 30.27
CA LEU A 272 -21.30 3.31 31.19
C LEU A 272 -19.98 2.57 31.25
N ASN A 273 -20.04 1.27 30.99
CA ASN A 273 -18.86 0.42 31.02
C ASN A 273 -18.07 0.38 29.69
N HIS A 274 -18.70 0.79 28.56
CA HIS A 274 -18.02 0.77 27.26
C HIS A 274 -18.42 1.88 26.30
N LEU A 275 -17.46 2.34 25.49
CA LEU A 275 -17.69 3.43 24.56
C LEU A 275 -18.57 3.09 23.34
N MET A 276 -18.21 2.03 22.60
CA MET A 276 -19.00 1.64 21.44
C MET A 276 -20.49 1.51 21.84
N ARG A 277 -20.79 0.75 22.90
CA ARG A 277 -22.18 0.58 23.33
C ARG A 277 -22.77 1.87 23.91
N ASP A 278 -22.01 2.96 23.83
CA ASP A 278 -22.48 4.23 24.40
C ASP A 278 -23.19 5.15 23.41
N PRO A 279 -24.53 5.24 23.55
CA PRO A 279 -25.41 6.06 22.71
C PRO A 279 -25.03 7.52 22.58
N ALA A 280 -24.03 7.96 23.32
CA ALA A 280 -23.58 9.35 23.27
C ALA A 280 -22.64 9.59 22.09
N LEU A 281 -22.01 8.52 21.62
CA LEU A 281 -21.07 8.61 20.50
C LEU A 281 -21.70 8.06 19.24
N LEU A 282 -21.90 8.90 18.24
CA LEU A 282 -22.48 8.40 17.02
C LEU A 282 -21.29 8.13 16.11
N PRO A 283 -21.37 7.03 15.34
CA PRO A 283 -20.31 6.61 14.43
C PRO A 283 -19.91 7.73 13.50
N PRO A 284 -18.69 7.64 12.95
CA PRO A 284 -18.14 8.65 12.05
C PRO A 284 -19.02 8.98 10.85
N LEU A 285 -19.56 7.94 10.21
CA LEU A 285 -20.42 8.11 9.02
C LEU A 285 -21.86 7.65 9.25
N VAL A 286 -22.81 8.55 9.03
CA VAL A 286 -24.21 8.20 9.26
C VAL A 286 -25.13 8.46 8.08
N TRP A 287 -25.64 7.40 7.46
CA TRP A 287 -26.55 7.57 6.33
C TRP A 287 -27.94 8.04 6.78
N ASP A 288 -28.54 7.36 7.76
CA ASP A 288 -29.85 7.77 8.26
C ASP A 288 -29.70 8.65 9.50
N CYS A 289 -30.72 8.68 10.36
CA CYS A 289 -30.68 9.49 11.58
C CYS A 289 -31.01 8.70 12.85
N ASP A 290 -30.75 7.39 12.85
CA ASP A 290 -31.06 6.60 14.04
C ASP A 290 -30.16 7.02 15.20
N ALA A 291 -28.87 6.70 15.07
CA ALA A 291 -27.91 7.04 16.10
C ALA A 291 -28.10 8.49 16.53
N LEU A 292 -28.51 9.33 15.59
CA LEU A 292 -28.71 10.75 15.92
C LEU A 292 -29.97 11.05 16.74
N MET A 293 -31.01 10.23 16.54
CA MET A 293 -32.26 10.38 17.28
C MET A 293 -32.04 9.94 18.72
N ARG A 294 -31.72 8.65 18.88
CA ARG A 294 -31.48 8.04 20.20
C ARG A 294 -30.54 8.92 21.03
N ARG A 295 -29.57 9.54 20.36
CA ARG A 295 -28.60 10.42 20.99
C ARG A 295 -29.30 11.59 21.66
N ALA A 296 -29.96 12.42 20.86
CA ALA A 296 -30.69 13.57 21.39
C ALA A 296 -31.67 13.11 22.49
N ALA A 297 -31.91 11.81 22.55
CA ALA A 297 -32.82 11.23 23.56
C ALA A 297 -32.06 10.71 24.78
N LEU A 298 -31.25 11.59 25.37
CA LEU A 298 -30.47 11.24 26.56
C LEU A 298 -30.74 12.27 27.65
N ASP A 299 -30.74 11.80 28.90
CA ASP A 299 -30.97 12.65 30.08
C ASP A 299 -30.18 13.97 30.05
N ARG A 300 -30.75 15.01 30.65
CA ARG A 300 -30.12 16.31 30.68
C ARG A 300 -28.66 16.24 31.17
N HIS A 301 -28.43 15.40 32.18
CA HIS A 301 -27.10 15.24 32.78
C HIS A 301 -26.00 14.72 31.84
N ARG A 302 -26.07 15.07 30.57
CA ARG A 302 -25.12 14.69 29.60
C ARG A 302 -24.87 16.03 29.00
N ASP A 303 -26.00 16.60 28.62
CA ASP A 303 -26.09 17.87 27.93
C ASP A 303 -25.48 17.65 26.57
N CYS A 304 -26.26 17.10 25.66
CA CYS A 304 -25.81 16.83 24.31
C CYS A 304 -26.06 18.03 23.41
N ARG A 305 -25.13 18.27 22.49
CA ARG A 305 -25.23 19.39 21.56
C ARG A 305 -24.76 18.92 20.20
N VAL A 306 -25.69 18.81 19.26
CA VAL A 306 -25.33 18.39 17.90
C VAL A 306 -25.52 19.58 16.97
N SER A 307 -24.50 19.86 16.16
CA SER A 307 -24.56 20.96 15.20
C SER A 307 -24.44 20.44 13.78
N ALA A 308 -25.55 20.52 13.03
CA ALA A 308 -25.57 20.04 11.66
C ALA A 308 -25.11 21.14 10.69
N GLY A 309 -23.88 20.99 10.20
CA GLY A 309 -23.34 21.98 9.30
C GLY A 309 -23.43 23.39 9.86
N GLY A 310 -23.90 23.51 11.09
CA GLY A 310 -24.01 24.82 11.70
C GLY A 310 -25.46 25.19 11.99
N HIS A 311 -26.35 24.22 11.94
CA HIS A 311 -27.77 24.47 12.19
C HIS A 311 -28.36 23.34 13.04
N ASP A 312 -29.43 23.65 13.75
CA ASP A 312 -30.10 22.63 14.55
C ASP A 312 -30.57 21.63 13.49
N PRO A 313 -30.13 20.36 13.61
CA PRO A 313 -30.51 19.31 12.66
C PRO A 313 -32.01 18.95 12.57
N VAL A 314 -32.60 19.21 11.41
CA VAL A 314 -34.00 18.90 11.13
C VAL A 314 -34.04 17.69 10.19
N TYR A 315 -34.86 16.70 10.54
CA TYR A 315 -34.96 15.47 9.75
C TYR A 315 -35.79 15.54 8.48
N ALA A 316 -35.72 14.46 7.69
CA ALA A 316 -36.45 14.37 6.44
C ALA A 316 -36.72 12.89 6.15
N ALA A 317 -38.00 12.55 5.95
CA ALA A 317 -38.41 11.16 5.68
C ALA A 317 -38.06 10.62 4.30
N ALA A 318 -37.91 11.51 3.30
CA ALA A 318 -37.56 11.06 1.95
C ALA A 318 -37.09 12.18 0.98
N CYS A 319 -36.65 11.75 -0.21
CA CYS A 319 -36.14 12.69 -1.20
C CYS A 319 -36.24 12.15 -2.64
N ASN A 320 -36.92 12.90 -3.51
CA ASN A 320 -37.11 12.52 -4.93
C ASN A 320 -36.05 13.17 -5.79
N VAL A 321 -36.51 13.62 -6.96
CA VAL A 321 -35.66 14.31 -7.91
C VAL A 321 -36.23 15.70 -7.98
N ALA A 322 -37.43 15.83 -7.42
CA ALA A 322 -38.10 17.11 -7.38
C ALA A 322 -37.72 17.77 -6.07
N THR A 323 -37.66 16.94 -5.03
CA THR A 323 -37.33 17.36 -3.67
C THR A 323 -35.84 17.69 -3.49
N ALA A 324 -35.01 16.86 -4.11
CA ALA A 324 -33.55 17.00 -4.02
C ALA A 324 -32.97 18.37 -4.38
N ASP A 325 -32.23 18.94 -3.43
CA ASP A 325 -31.55 20.22 -3.62
C ASP A 325 -30.08 20.05 -3.25
N PHE A 326 -29.27 19.74 -4.25
CA PHE A 326 -27.85 19.53 -4.04
C PHE A 326 -27.18 20.70 -3.35
N ASN A 327 -27.66 21.91 -3.60
CA ASN A 327 -27.08 23.11 -2.98
C ASN A 327 -27.92 23.64 -1.84
N ARG A 328 -28.19 22.80 -0.84
CA ARG A 328 -28.98 23.24 0.30
C ARG A 328 -28.14 23.44 1.55
N ASN A 329 -28.25 24.62 2.14
CA ASN A 329 -27.51 24.95 3.35
C ASN A 329 -28.52 25.37 4.41
N ASP A 330 -29.11 24.39 5.09
CA ASP A 330 -30.09 24.70 6.12
C ASP A 330 -30.08 23.68 7.25
N GLY A 331 -29.15 22.73 7.19
CA GLY A 331 -29.10 21.73 8.26
C GLY A 331 -30.35 20.86 8.36
N GLN A 332 -30.63 20.14 7.26
CA GLN A 332 -31.77 19.24 7.20
C GLN A 332 -31.18 17.89 6.79
N LEU A 333 -31.35 16.89 7.64
CA LEU A 333 -30.76 15.59 7.35
C LEU A 333 -31.73 14.50 6.89
N LEU A 334 -31.39 13.87 5.77
CA LEU A 334 -32.22 12.80 5.24
C LEU A 334 -32.20 11.63 6.19
N HIS A 335 -33.37 11.07 6.43
CA HIS A 335 -33.50 9.91 7.31
C HIS A 335 -34.19 8.81 6.51
N ASN A 336 -33.77 8.64 5.25
CA ASN A 336 -34.39 7.64 4.37
C ASN A 336 -33.51 6.47 4.00
N THR A 337 -33.66 5.36 4.73
CA THR A 337 -32.88 4.15 4.44
C THR A 337 -33.68 2.89 4.76
N GLN A 338 -35.01 2.98 4.68
CA GLN A 338 -35.88 1.85 4.98
C GLN A 338 -35.91 0.77 3.92
N ALA A 339 -36.53 -0.36 4.25
CA ALA A 339 -36.64 -1.48 3.33
C ALA A 339 -37.78 -1.16 2.35
N ARG A 340 -38.97 -0.95 2.89
CA ARG A 340 -40.15 -0.62 2.10
C ARG A 340 -40.33 0.89 2.12
N ALA A 341 -40.76 1.49 1.01
CA ALA A 341 -40.96 2.93 0.99
C ALA A 341 -42.20 3.26 1.82
N ALA A 342 -42.99 2.22 2.16
CA ALA A 342 -44.19 2.38 2.97
C ALA A 342 -43.79 2.83 4.39
N ASP A 343 -42.78 2.16 4.96
CA ASP A 343 -42.24 2.48 6.28
C ASP A 343 -41.41 3.72 6.06
N ALA A 344 -42.08 4.83 6.23
CA ALA A 344 -41.55 6.06 6.05
C ALA A 344 -41.71 6.75 7.33
N ALA A 345 -40.60 7.30 7.79
CA ALA A 345 -40.63 8.02 9.06
C ALA A 345 -39.82 9.31 9.01
N ASP A 346 -40.20 10.21 9.89
CA ASP A 346 -39.54 11.50 10.02
C ASP A 346 -39.19 11.65 11.50
N ASP A 347 -40.03 11.03 12.34
CA ASP A 347 -39.85 11.07 13.79
C ASP A 347 -39.06 9.88 14.33
N ARG A 348 -39.72 8.72 14.41
CA ARG A 348 -39.09 7.49 14.91
C ARG A 348 -37.84 7.04 14.12
N PRO A 349 -36.97 6.24 14.76
CA PRO A 349 -35.77 5.77 14.07
C PRO A 349 -36.11 4.50 13.30
N HIS A 350 -35.40 4.07 12.35
CA HIS A 350 -35.71 2.98 11.41
C HIS A 350 -35.01 1.65 11.71
N ARG A 351 -33.69 1.67 11.89
CA ARG A 351 -32.84 0.49 11.89
C ARG A 351 -32.94 -0.26 13.20
N GLY A 352 -32.41 0.20 14.27
CA GLY A 352 -32.56 -0.30 15.62
C GLY A 352 -31.34 0.05 16.47
N ALA A 353 -31.42 -0.26 17.76
CA ALA A 353 -30.33 0.03 18.70
C ALA A 353 -29.00 -0.61 18.27
N ASP A 354 -28.95 -1.94 18.21
CA ASP A 354 -27.75 -2.68 17.81
C ASP A 354 -27.12 -2.16 16.52
N TRP A 355 -27.92 -2.07 15.46
CA TRP A 355 -27.45 -1.59 14.15
C TRP A 355 -26.34 -0.57 14.35
N THR A 356 -26.73 0.67 14.68
CA THR A 356 -25.78 1.74 14.88
C THR A 356 -24.51 1.26 15.62
N VAL A 357 -24.68 0.45 16.66
CA VAL A 357 -23.54 -0.07 17.40
C VAL A 357 -22.56 -0.73 16.44
N HIS A 358 -22.98 -1.87 15.92
CA HIS A 358 -22.14 -2.63 14.99
C HIS A 358 -21.46 -1.72 14.00
N HIS A 359 -22.13 -0.64 13.62
CA HIS A 359 -21.51 0.28 12.68
C HIS A 359 -20.27 0.89 13.35
N LYS A 360 -20.48 1.44 14.55
CA LYS A 360 -19.39 2.04 15.30
C LYS A 360 -18.30 1.00 15.49
N ILE A 361 -18.69 -0.22 15.84
CA ILE A 361 -17.70 -1.28 16.03
C ILE A 361 -16.87 -1.45 14.75
N TYR A 362 -17.57 -1.49 13.62
CA TYR A 362 -16.94 -1.66 12.32
C TYR A 362 -16.00 -0.50 11.97
N TYR A 363 -16.52 0.72 12.03
CA TYR A 363 -15.76 1.93 11.69
C TYR A 363 -14.61 2.30 12.61
N TYR A 364 -14.80 2.08 13.92
CA TYR A 364 -13.79 2.41 14.91
C TYR A 364 -12.84 1.25 15.23
N VAL A 365 -13.20 0.04 14.87
CA VAL A 365 -12.31 -1.08 15.15
C VAL A 365 -11.89 -1.81 13.89
N MET A 366 -12.88 -2.46 13.27
CA MET A 366 -12.70 -3.23 12.05
C MET A 366 -11.93 -2.45 10.97
N VAL A 367 -12.41 -1.25 10.64
CA VAL A 367 -11.74 -0.42 9.63
C VAL A 367 -10.25 -0.21 9.95
N PRO A 368 -9.97 0.41 11.12
CA PRO A 368 -8.58 0.67 11.54
C PRO A 368 -7.83 -0.63 11.51
N ALA A 369 -8.44 -1.67 12.06
CA ALA A 369 -7.84 -2.99 12.09
C ALA A 369 -7.23 -3.35 10.73
N PHE A 370 -8.02 -3.23 9.66
CA PHE A 370 -7.58 -3.57 8.30
C PHE A 370 -6.82 -2.48 7.55
N SER A 371 -7.26 -1.24 7.69
CA SER A 371 -6.66 -0.13 6.96
C SER A 371 -5.40 0.42 7.61
N ARG A 372 -5.21 0.12 8.90
CA ARG A 372 -4.05 0.60 9.64
C ARG A 372 -3.86 2.09 9.34
N GLY A 373 -4.96 2.83 9.31
CA GLY A 373 -4.89 4.27 9.07
C GLY A 373 -4.77 4.76 7.65
N ARG A 374 -4.22 3.95 6.74
CA ARG A 374 -4.08 4.38 5.35
C ARG A 374 -5.49 4.36 4.76
N CYS A 375 -6.22 5.47 4.92
CA CYS A 375 -7.58 5.59 4.39
C CYS A 375 -8.19 6.83 4.99
N CYS A 376 -9.29 7.33 4.42
CA CYS A 376 -9.88 8.57 4.92
C CYS A 376 -11.34 8.87 4.53
N THR A 377 -12.08 9.47 5.46
CA THR A 377 -13.49 9.80 5.23
C THR A 377 -13.58 11.00 4.32
N ALA A 378 -14.61 11.01 3.46
CA ALA A 378 -14.82 12.10 2.51
C ALA A 378 -16.31 12.33 2.25
N GLY A 379 -16.62 13.58 1.90
CA GLY A 379 -17.99 13.98 1.58
C GLY A 379 -18.16 13.78 0.08
N VAL A 380 -19.38 13.49 -0.34
CA VAL A 380 -19.67 13.25 -1.75
C VAL A 380 -20.38 14.39 -2.49
N ARG A 381 -20.05 14.56 -3.77
CA ARG A 381 -20.69 15.59 -4.61
C ARG A 381 -21.78 14.87 -5.41
N PHE A 382 -22.89 14.57 -4.75
CA PHE A 382 -23.97 13.81 -5.38
C PHE A 382 -24.39 14.22 -6.80
N ASP A 383 -24.41 15.50 -7.11
CA ASP A 383 -24.77 15.91 -8.47
C ASP A 383 -23.75 15.24 -9.39
N ARG A 384 -22.49 15.68 -9.31
CA ARG A 384 -21.42 15.10 -10.10
C ARG A 384 -21.61 13.58 -10.21
N VAL A 385 -21.92 12.91 -9.11
CA VAL A 385 -22.10 11.45 -9.14
C VAL A 385 -23.34 11.11 -9.93
N TYR A 386 -24.50 11.30 -9.30
CA TYR A 386 -25.77 11.03 -9.94
C TYR A 386 -25.72 11.29 -11.43
N ALA A 387 -25.10 12.39 -11.82
CA ALA A 387 -24.97 12.72 -13.23
C ALA A 387 -24.28 11.57 -13.97
N THR A 388 -22.95 11.63 -14.12
CA THR A 388 -22.21 10.59 -14.84
C THR A 388 -22.73 9.18 -14.57
N LEU A 389 -23.45 9.01 -13.47
CA LEU A 389 -24.00 7.70 -13.13
C LEU A 389 -25.16 7.38 -14.08
N GLN A 390 -26.18 8.24 -14.11
CA GLN A 390 -27.33 8.03 -15.00
C GLN A 390 -27.08 8.67 -16.37
N ASN A 391 -25.88 8.44 -16.89
CA ASN A 391 -25.44 8.93 -18.18
C ASN A 391 -24.78 7.73 -18.87
N MET A 392 -25.55 6.67 -19.09
CA MET A 392 -24.99 5.47 -19.73
C MET A 392 -25.32 5.31 -21.22
N VAL A 393 -24.86 4.19 -21.77
CA VAL A 393 -25.06 3.87 -23.18
C VAL A 393 -25.40 2.38 -23.38
N VAL A 394 -26.69 2.09 -23.45
CA VAL A 394 -27.15 0.72 -23.66
C VAL A 394 -27.76 0.61 -25.05
N PRO A 395 -27.03 0.02 -26.00
CA PRO A 395 -27.55 -0.12 -27.35
C PRO A 395 -28.85 -0.90 -27.34
N GLU A 396 -29.72 -0.57 -28.31
CA GLU A 396 -31.03 -1.20 -28.46
C GLU A 396 -30.87 -2.70 -28.66
N ILE A 397 -31.58 -3.48 -27.85
CA ILE A 397 -31.48 -4.92 -27.98
C ILE A 397 -31.96 -5.32 -29.38
N ALA A 398 -31.04 -5.88 -30.17
CA ALA A 398 -31.33 -6.31 -31.52
C ALA A 398 -32.63 -7.10 -31.63
N PRO A 399 -33.67 -6.51 -32.26
CA PRO A 399 -34.98 -7.15 -32.44
C PRO A 399 -34.89 -8.64 -32.84
N GLY A 400 -35.47 -9.50 -32.01
CA GLY A 400 -35.42 -10.92 -32.28
C GLY A 400 -34.30 -11.57 -31.49
N GLU A 401 -33.28 -10.78 -31.17
CA GLU A 401 -32.12 -11.25 -30.43
C GLU A 401 -32.34 -11.24 -28.91
N GLU A 402 -31.48 -11.95 -28.20
CA GLU A 402 -31.55 -12.02 -26.74
C GLU A 402 -30.51 -11.04 -26.17
N CYS A 403 -30.75 -10.56 -24.95
CA CYS A 403 -29.84 -9.64 -24.28
C CYS A 403 -28.38 -10.13 -24.33
N PRO A 404 -27.45 -9.23 -24.74
CA PRO A 404 -26.01 -9.51 -24.87
C PRO A 404 -25.41 -10.03 -23.57
N SER A 405 -24.80 -11.22 -23.63
CA SER A 405 -24.20 -11.81 -22.45
C SER A 405 -22.70 -11.50 -22.34
N ASP A 406 -21.99 -11.60 -23.45
CA ASP A 406 -20.56 -11.33 -23.49
C ASP A 406 -20.20 -9.98 -24.14
N PRO A 407 -19.42 -9.14 -23.43
CA PRO A 407 -18.97 -7.81 -23.86
C PRO A 407 -17.65 -7.75 -24.64
N VAL A 408 -17.07 -8.92 -24.90
CA VAL A 408 -15.83 -8.99 -25.68
C VAL A 408 -16.15 -9.21 -27.15
N THR A 409 -17.34 -9.73 -27.41
CA THR A 409 -17.80 -10.05 -28.76
C THR A 409 -19.04 -9.27 -29.22
N ASP A 410 -20.20 -9.68 -28.72
CA ASP A 410 -21.45 -9.02 -29.09
C ASP A 410 -21.29 -7.49 -29.03
N PRO A 411 -21.22 -6.83 -30.22
CA PRO A 411 -21.07 -5.38 -30.28
C PRO A 411 -22.31 -4.62 -29.77
N ALA A 412 -23.29 -5.36 -29.26
CA ALA A 412 -24.49 -4.71 -28.75
C ALA A 412 -24.46 -4.72 -27.23
N HIS A 413 -23.34 -5.16 -26.67
CA HIS A 413 -23.15 -5.22 -25.21
C HIS A 413 -22.64 -3.85 -24.76
N PRO A 414 -23.32 -3.20 -23.80
CA PRO A 414 -22.91 -1.86 -23.32
C PRO A 414 -21.44 -1.72 -22.93
N LEU A 415 -20.78 -2.85 -22.65
CA LEU A 415 -19.37 -2.79 -22.28
C LEU A 415 -18.44 -3.31 -23.37
N HIS A 416 -18.95 -3.34 -24.60
CA HIS A 416 -18.13 -3.74 -25.72
C HIS A 416 -17.41 -2.45 -26.06
N PRO A 417 -16.09 -2.51 -26.33
CA PRO A 417 -15.30 -1.31 -26.67
C PRO A 417 -16.05 -0.36 -27.59
N ALA A 418 -16.63 -0.91 -28.64
CA ALA A 418 -17.40 -0.13 -29.59
C ALA A 418 -18.32 0.90 -28.91
N ASN A 419 -18.92 0.52 -27.79
CA ASN A 419 -19.86 1.39 -27.06
C ASN A 419 -19.28 2.29 -25.96
N LEU A 420 -18.04 2.03 -25.54
CA LEU A 420 -17.41 2.80 -24.46
C LEU A 420 -17.19 4.29 -24.69
N VAL A 421 -18.24 5.09 -24.52
CA VAL A 421 -18.13 6.54 -24.70
C VAL A 421 -17.42 7.19 -23.52
N ALA A 422 -16.47 8.07 -23.83
CA ALA A 422 -15.72 8.77 -22.78
C ALA A 422 -16.66 9.56 -21.85
N ASN A 423 -16.31 9.58 -20.56
CA ASN A 423 -17.09 10.29 -19.54
C ASN A 423 -18.49 9.68 -19.36
N THR A 424 -18.58 8.37 -19.56
CA THR A 424 -19.83 7.65 -19.43
C THR A 424 -19.64 6.50 -18.48
N VAL A 425 -20.65 6.24 -17.66
CA VAL A 425 -20.57 5.15 -16.70
C VAL A 425 -20.11 3.85 -17.36
N ASN A 426 -20.28 3.75 -18.67
CA ASN A 426 -19.82 2.55 -19.38
C ASN A 426 -18.30 2.53 -19.26
N ALA A 427 -17.70 3.71 -19.42
CA ALA A 427 -16.25 3.85 -19.34
C ALA A 427 -15.75 3.31 -18.01
N MET A 428 -16.28 3.88 -16.93
CA MET A 428 -15.87 3.45 -15.60
C MET A 428 -15.86 1.92 -15.45
N PHE A 429 -17.02 1.28 -15.62
CA PHE A 429 -17.09 -0.17 -15.46
C PHE A 429 -15.95 -0.86 -16.18
N HIS A 430 -15.57 -0.26 -17.31
CA HIS A 430 -14.51 -0.84 -18.10
C HIS A 430 -13.18 -0.69 -17.40
N ASN A 431 -12.89 0.51 -16.92
CA ASN A 431 -11.64 0.76 -16.22
C ASN A 431 -11.53 -0.15 -15.00
N GLY A 432 -12.64 -0.33 -14.29
CA GLY A 432 -12.61 -1.20 -13.12
C GLY A 432 -12.51 -2.68 -13.46
N ARG A 433 -12.42 -3.00 -14.76
CA ARG A 433 -12.36 -4.39 -15.19
C ARG A 433 -13.61 -5.05 -14.62
N VAL A 434 -14.70 -4.28 -14.57
CA VAL A 434 -15.98 -4.77 -14.06
C VAL A 434 -16.88 -5.27 -15.22
N VAL A 435 -17.65 -6.34 -15.00
CA VAL A 435 -18.52 -6.87 -16.04
C VAL A 435 -20.00 -6.84 -15.66
N VAL A 436 -20.69 -5.83 -16.16
CA VAL A 436 -22.11 -5.67 -15.89
C VAL A 436 -22.90 -5.56 -17.18
N ASP A 437 -23.94 -6.40 -17.34
CA ASP A 437 -24.77 -6.38 -18.55
C ASP A 437 -25.76 -5.20 -18.57
N GLY A 438 -26.42 -5.03 -19.72
CA GLY A 438 -27.37 -3.93 -19.91
C GLY A 438 -28.51 -3.75 -18.92
N PRO A 439 -29.37 -4.77 -18.73
CA PRO A 439 -30.48 -4.64 -17.79
C PRO A 439 -30.00 -4.16 -16.43
N ALA A 440 -28.95 -4.81 -15.93
CA ALA A 440 -28.36 -4.46 -14.64
C ALA A 440 -28.09 -2.97 -14.66
N MET A 441 -27.32 -2.54 -15.65
CA MET A 441 -26.96 -1.14 -15.82
C MET A 441 -28.23 -0.25 -15.78
N LEU A 442 -29.30 -0.69 -16.42
CA LEU A 442 -30.52 0.11 -16.43
C LEU A 442 -31.21 0.30 -15.08
N THR A 443 -31.04 -0.65 -14.15
CA THR A 443 -31.71 -0.52 -12.84
C THR A 443 -31.44 0.84 -12.21
N LEU A 444 -30.37 1.49 -12.68
CA LEU A 444 -30.01 2.81 -12.16
C LEU A 444 -31.13 3.82 -12.38
N GLN A 445 -32.22 3.39 -13.02
CA GLN A 445 -33.32 4.32 -13.24
C GLN A 445 -33.94 4.63 -11.87
N VAL A 446 -33.75 3.72 -10.92
CA VAL A 446 -34.31 3.90 -9.58
C VAL A 446 -33.87 5.18 -8.87
N LEU A 447 -32.56 5.47 -8.94
CA LEU A 447 -31.96 6.64 -8.29
C LEU A 447 -32.77 7.91 -8.36
N ALA A 448 -33.49 8.12 -9.45
CA ALA A 448 -34.30 9.32 -9.55
C ALA A 448 -35.40 9.29 -8.49
N HIS A 449 -35.86 8.08 -8.15
CA HIS A 449 -36.92 7.91 -7.16
C HIS A 449 -36.50 8.06 -5.70
N ASN A 450 -35.36 7.47 -5.35
CA ASN A 450 -34.88 7.52 -3.98
C ASN A 450 -33.43 7.97 -3.92
N MET A 451 -33.22 9.27 -3.68
CA MET A 451 -31.86 9.80 -3.62
C MET A 451 -31.50 10.68 -2.42
N ALA A 452 -30.20 10.82 -2.21
CA ALA A 452 -29.64 11.63 -1.13
C ALA A 452 -28.99 12.85 -1.80
N GLU A 453 -29.25 14.05 -1.28
CA GLU A 453 -28.71 15.27 -1.88
C GLU A 453 -27.33 15.73 -1.41
N ARG A 454 -27.23 16.11 -0.13
CA ARG A 454 -26.00 16.63 0.47
C ARG A 454 -25.37 15.85 1.61
N THR A 455 -24.04 15.89 1.65
CA THR A 455 -23.21 15.25 2.69
C THR A 455 -22.92 16.31 3.78
N THR A 456 -23.57 16.17 4.94
CA THR A 456 -23.42 17.15 6.01
C THR A 456 -22.38 16.86 7.09
N ALA A 457 -21.65 17.89 7.49
CA ALA A 457 -20.62 17.80 8.54
C ALA A 457 -21.31 17.86 9.90
N LEU A 458 -21.06 16.87 10.74
CA LEU A 458 -21.70 16.81 12.05
C LEU A 458 -20.75 16.95 13.24
N LEU A 459 -21.01 17.92 14.10
CA LEU A 459 -20.20 18.14 15.30
C LEU A 459 -21.11 17.98 16.53
N CYS A 460 -20.96 16.88 17.25
CA CYS A 460 -21.79 16.66 18.43
C CYS A 460 -20.94 16.74 19.71
N SER A 461 -21.58 16.73 20.88
CA SER A 461 -20.84 16.81 22.14
C SER A 461 -21.65 16.62 23.41
N ALA A 462 -20.95 16.57 24.54
CA ALA A 462 -21.57 16.41 25.85
C ALA A 462 -20.56 16.26 26.99
N ALA A 463 -21.06 16.41 28.21
CA ALA A 463 -20.23 16.25 29.40
C ALA A 463 -20.25 14.77 29.69
N PRO A 464 -19.22 14.26 30.36
CA PRO A 464 -19.04 12.84 30.75
C PRO A 464 -20.22 12.16 31.46
N ASP A 465 -20.27 10.82 31.42
CA ASP A 465 -21.34 10.05 32.06
C ASP A 465 -21.16 9.89 33.58
N ALA A 466 -20.56 8.77 34.02
CA ALA A 466 -20.32 8.50 35.44
C ALA A 466 -19.23 9.41 36.00
N GLY A 467 -19.26 10.66 35.56
CA GLY A 467 -18.31 11.66 35.98
C GLY A 467 -19.09 12.88 36.47
N ALA A 468 -19.28 12.92 37.79
CA ALA A 468 -19.98 14.01 38.47
C ALA A 468 -19.14 14.20 39.71
N ASN A 469 -18.44 13.13 40.08
CA ASN A 469 -17.54 13.10 41.21
C ASN A 469 -16.26 13.75 40.69
N THR A 470 -16.17 13.77 39.32
CA THR A 470 -15.09 14.37 38.54
C THR A 470 -15.49 15.78 38.59
N ALA A 471 -14.90 16.55 39.33
CA ALA A 471 -15.69 17.73 39.31
C ALA A 471 -14.89 18.95 39.77
N ASN A 475 -17.05 21.36 33.74
CA ASN A 475 -16.64 21.94 32.46
C ASN A 475 -16.17 21.38 31.19
N MET A 476 -14.91 21.12 31.02
CA MET A 476 -14.52 20.71 29.64
C MET A 476 -15.37 19.57 29.02
N ARG A 477 -16.11 19.77 27.84
CA ARG A 477 -16.98 18.73 27.32
C ARG A 477 -16.29 17.98 26.19
N ILE A 478 -16.75 16.77 25.96
CA ILE A 478 -16.20 15.91 24.92
C ILE A 478 -16.74 16.25 23.54
N PHE A 479 -15.84 16.35 22.56
CA PHE A 479 -16.26 16.66 21.20
C PHE A 479 -15.96 15.55 20.24
N ASP A 480 -16.92 15.29 19.36
CA ASP A 480 -16.79 14.25 18.35
C ASP A 480 -17.40 14.67 17.02
N GLY A 481 -16.69 14.38 15.94
CA GLY A 481 -17.17 14.71 14.62
C GLY A 481 -17.85 13.52 13.95
N ALA A 482 -18.35 13.73 12.75
CA ALA A 482 -19.03 12.68 11.98
C ALA A 482 -19.63 13.28 10.71
N LEU A 483 -19.77 12.44 9.68
CA LEU A 483 -20.34 12.87 8.43
C LEU A 483 -21.66 12.16 8.16
N HIS A 484 -22.64 12.94 7.71
CA HIS A 484 -23.96 12.41 7.40
C HIS A 484 -23.85 11.56 6.15
N ALA A 485 -23.95 12.18 5.00
CA ALA A 485 -23.83 11.42 3.77
C ALA A 485 -22.37 11.42 3.37
N GLY A 486 -21.57 10.52 3.95
CA GLY A 486 -20.17 10.48 3.57
C GLY A 486 -19.70 9.05 3.37
N ILE A 487 -18.53 8.86 2.76
CA ILE A 487 -18.04 7.51 2.59
C ILE A 487 -16.55 7.41 2.91
N LEU A 488 -16.09 6.20 3.20
CA LEU A 488 -14.68 6.04 3.54
C LEU A 488 -13.75 5.65 2.39
N LEU A 489 -12.93 6.60 1.93
CA LEU A 489 -11.97 6.33 0.83
C LEU A 489 -10.82 5.48 1.39
N MET A 490 -10.91 4.21 1.08
CA MET A 490 -10.06 3.04 1.52
C MET A 490 -8.56 3.12 1.25
N ALA A 491 -8.18 2.77 0.01
CA ALA A 491 -6.79 2.86 -0.42
C ALA A 491 -6.79 4.23 -1.07
N PRO A 492 -5.62 4.80 -1.37
CA PRO A 492 -5.56 6.12 -2.01
C PRO A 492 -5.39 5.94 -3.53
N GLN A 493 -6.45 6.22 -4.30
CA GLN A 493 -6.41 6.06 -5.77
C GLN A 493 -5.37 6.95 -6.44
N HIS A 494 -4.98 6.59 -7.67
CA HIS A 494 -3.97 7.36 -8.40
C HIS A 494 -4.20 8.87 -8.40
N LEU A 495 -3.19 9.59 -7.91
CA LEU A 495 -3.19 11.04 -7.80
C LEU A 495 -4.07 11.87 -8.76
N ASP A 496 -3.74 11.94 -10.04
CA ASP A 496 -4.57 12.75 -10.94
C ASP A 496 -5.77 12.07 -11.59
N HIS A 497 -6.44 11.20 -10.86
CA HIS A 497 -7.65 10.52 -11.38
C HIS A 497 -8.90 11.05 -10.71
N THR A 498 -10.03 10.50 -11.10
CA THR A 498 -11.34 10.96 -10.65
C THR A 498 -11.66 10.97 -9.16
N ILE A 499 -11.20 9.96 -8.44
CA ILE A 499 -11.44 9.86 -7.02
C ILE A 499 -10.62 10.90 -6.25
N GLN A 500 -9.36 11.06 -6.67
CA GLN A 500 -8.43 12.01 -6.05
C GLN A 500 -8.56 13.43 -6.58
N ASN A 501 -8.91 13.55 -7.86
CA ASN A 501 -9.08 14.82 -8.57
C ASN A 501 -10.24 15.65 -8.03
N GLY A 502 -10.83 15.21 -6.92
CA GLY A 502 -11.94 15.92 -6.33
C GLY A 502 -13.15 15.93 -7.24
N ASP A 503 -13.11 15.10 -8.28
CA ASP A 503 -14.21 15.00 -9.24
C ASP A 503 -15.55 14.78 -8.55
N TYR A 504 -15.75 13.58 -7.99
CA TYR A 504 -17.01 13.24 -7.31
C TYR A 504 -16.96 13.35 -5.78
N PHE A 505 -15.82 12.94 -5.22
CA PHE A 505 -15.62 12.94 -3.78
C PHE A 505 -14.58 13.92 -3.28
N TYR A 506 -14.85 14.54 -2.13
CA TYR A 506 -13.89 15.47 -1.55
C TYR A 506 -13.46 15.05 -0.14
N PRO A 507 -12.13 14.98 0.11
CA PRO A 507 -11.53 14.59 1.39
C PRO A 507 -12.01 15.51 2.50
N LEU A 508 -12.36 14.91 3.65
CA LEU A 508 -12.83 15.69 4.79
C LEU A 508 -12.83 14.76 6.00
N PRO A 509 -11.64 14.56 6.65
CA PRO A 509 -11.50 13.69 7.82
C PRO A 509 -12.29 14.16 9.04
N VAL A 510 -13.10 13.26 9.60
CA VAL A 510 -13.89 13.58 10.78
C VAL A 510 -13.11 13.20 12.03
N HIS A 511 -12.05 12.43 11.87
CA HIS A 511 -11.30 11.97 13.02
C HIS A 511 -9.90 11.45 12.67
N ALA A 512 -8.94 11.72 13.56
CA ALA A 512 -7.55 11.33 13.37
C ALA A 512 -7.45 9.92 12.80
N LEU A 513 -8.34 9.04 13.26
CA LEU A 513 -8.33 7.64 12.81
C LEU A 513 -8.47 7.45 11.29
N PHE A 514 -9.16 8.39 10.65
CA PHE A 514 -9.36 8.34 9.21
C PHE A 514 -8.90 9.66 8.57
N ALA A 515 -7.65 9.72 8.14
CA ALA A 515 -7.18 10.96 7.53
C ALA A 515 -5.90 10.78 6.73
N GLY A 516 -5.75 9.61 6.11
CA GLY A 516 -4.58 9.31 5.30
C GLY A 516 -3.98 10.55 4.65
N ALA A 517 -2.68 10.74 4.84
CA ALA A 517 -2.01 11.90 4.27
C ALA A 517 -2.36 11.97 2.80
N ASP A 518 -1.98 10.91 2.08
CA ASP A 518 -2.22 10.79 0.64
C ASP A 518 -3.56 11.33 0.12
N HIS A 519 -4.66 11.03 0.81
CA HIS A 519 -5.94 11.53 0.37
C HIS A 519 -6.00 13.05 0.50
N VAL A 520 -5.60 13.56 1.67
CA VAL A 520 -5.66 15.00 1.93
C VAL A 520 -4.53 15.78 1.25
N ALA A 521 -3.33 15.22 1.27
CA ALA A 521 -2.16 15.88 0.67
C ALA A 521 -2.27 16.02 -0.83
N ASN A 522 -2.76 14.98 -1.51
CA ASN A 522 -2.91 14.98 -2.96
C ASN A 522 -4.27 15.54 -3.39
N ALA A 523 -4.94 16.24 -2.46
CA ALA A 523 -6.25 16.83 -2.75
C ALA A 523 -6.08 17.95 -3.77
N PRO A 524 -7.19 18.53 -4.27
CA PRO A 524 -7.14 19.62 -5.24
C PRO A 524 -6.37 20.87 -4.82
N ASN A 525 -6.91 21.62 -3.86
CA ASN A 525 -6.26 22.85 -3.40
C ASN A 525 -5.46 22.67 -2.10
N PHE A 526 -4.47 21.79 -2.11
CA PHE A 526 -3.68 21.56 -0.90
C PHE A 526 -2.40 22.39 -0.86
N PRO A 527 -2.31 23.32 0.11
CA PRO A 527 -1.13 24.18 0.27
C PRO A 527 0.14 23.35 0.25
N PRO A 528 0.94 23.47 -0.81
CA PRO A 528 2.18 22.72 -0.96
C PRO A 528 3.14 22.92 0.22
N ALA A 529 2.89 23.97 1.00
CA ALA A 529 3.71 24.26 2.17
C ALA A 529 3.51 23.16 3.21
N LEU A 530 2.26 22.94 3.58
CA LEU A 530 1.88 21.93 4.57
C LEU A 530 2.17 20.48 4.17
N ARG A 531 2.52 20.25 2.90
CA ARG A 531 2.78 18.88 2.44
C ARG A 531 3.64 18.11 3.44
N ASP A 532 4.69 18.76 3.94
CA ASP A 532 5.60 18.16 4.90
C ASP A 532 4.89 17.79 6.20
N LEU A 533 4.28 18.81 6.81
CA LEU A 533 3.55 18.66 8.06
C LEU A 533 2.57 17.49 8.02
N SER A 534 1.67 17.52 7.05
CA SER A 534 0.63 16.51 6.85
C SER A 534 1.18 15.10 6.75
N ARG A 535 2.41 15.00 6.28
CA ARG A 535 3.07 13.72 6.12
C ARG A 535 3.29 13.05 7.47
N GLN A 536 2.84 13.68 8.55
CA GLN A 536 3.02 13.13 9.90
C GLN A 536 2.05 13.70 10.95
N VAL A 537 1.04 14.43 10.52
CA VAL A 537 0.10 15.03 11.45
C VAL A 537 -1.37 15.07 10.98
N PRO A 538 -2.23 14.22 11.57
CA PRO A 538 -3.65 14.18 11.20
C PRO A 538 -4.27 15.58 11.08
N LEU A 539 -4.88 15.87 9.92
CA LEU A 539 -5.48 17.19 9.66
C LEU A 539 -6.99 17.33 9.89
N VAL A 540 -7.53 16.66 10.91
CA VAL A 540 -8.97 16.77 11.17
C VAL A 540 -9.39 18.21 11.51
N PRO A 541 -10.22 18.83 10.62
CA PRO A 541 -10.73 20.20 10.76
C PRO A 541 -11.21 20.54 12.17
N PRO A 542 -10.68 21.63 12.75
CA PRO A 542 -11.10 22.01 14.09
C PRO A 542 -12.61 22.13 14.18
N ALA A 543 -13.27 22.27 13.04
CA ALA A 543 -14.74 22.37 13.01
C ALA A 543 -15.35 21.00 13.34
N LEU A 544 -14.58 19.94 13.11
CA LEU A 544 -15.03 18.57 13.34
C LEU A 544 -14.48 17.95 14.62
N GLY A 545 -13.80 18.75 15.42
CA GLY A 545 -13.25 18.26 16.68
C GLY A 545 -11.75 18.43 16.81
N ALA A 546 -11.25 18.27 18.04
CA ALA A 546 -9.82 18.39 18.34
C ALA A 546 -9.34 17.18 19.15
N ASN A 547 -8.09 16.78 18.93
CA ASN A 547 -7.56 15.61 19.62
C ASN A 547 -7.80 15.54 21.12
N TYR A 548 -7.49 16.62 21.83
CA TYR A 548 -7.68 16.62 23.26
C TYR A 548 -9.12 16.56 23.73
N PHE A 549 -10.06 16.34 22.80
CA PHE A 549 -11.46 16.23 23.20
C PHE A 549 -12.19 15.01 22.62
N SER A 550 -11.58 14.37 21.62
CA SER A 550 -12.16 13.18 21.01
C SER A 550 -12.39 12.07 22.04
N SER A 551 -13.54 11.39 21.96
CA SER A 551 -13.78 10.27 22.88
C SER A 551 -12.69 9.22 22.63
N ILE A 552 -11.78 9.51 21.71
CA ILE A 552 -10.69 8.59 21.38
C ILE A 552 -9.55 9.37 20.72
N ARG A 553 -8.48 9.60 21.50
CA ARG A 553 -7.36 10.39 21.01
C ARG A 553 -6.19 9.63 20.41
N GLN A 554 -5.20 10.42 20.01
CA GLN A 554 -3.98 9.96 19.35
C GLN A 554 -3.42 8.62 19.79
N PRO A 555 -3.18 8.42 21.10
CA PRO A 555 -2.62 7.13 21.52
C PRO A 555 -3.21 5.98 20.67
N VAL A 556 -4.53 5.85 20.67
CA VAL A 556 -5.19 4.80 19.88
C VAL A 556 -4.72 4.81 18.44
N VAL A 557 -4.90 5.95 17.78
CA VAL A 557 -4.46 6.09 16.40
C VAL A 557 -3.05 5.54 16.35
N GLN A 558 -2.15 6.25 17.02
CA GLN A 558 -0.75 5.88 17.09
C GLN A 558 -0.63 4.38 17.24
N HIS A 559 -1.48 3.82 18.10
CA HIS A 559 -1.44 2.39 18.34
C HIS A 559 -1.51 1.69 16.98
N VAL A 560 -2.68 1.73 16.37
CA VAL A 560 -2.93 1.11 15.06
C VAL A 560 -1.72 1.27 14.13
N ARG A 561 -1.44 2.53 13.79
CA ARG A 561 -0.36 2.88 12.91
C ARG A 561 0.88 2.04 13.12
N GLU A 562 1.30 1.81 14.36
CA GLU A 562 2.50 1.01 14.56
C GLU A 562 2.28 -0.42 15.03
N SER A 563 1.08 -0.75 15.50
CA SER A 563 0.81 -2.12 15.99
C SER A 563 1.25 -3.13 14.95
N ALA A 564 1.63 -4.32 15.40
CA ALA A 564 2.05 -5.34 14.45
C ALA A 564 1.42 -6.68 14.77
N ALA A 565 0.09 -6.70 14.82
CA ALA A 565 -0.62 -7.92 15.12
C ALA A 565 -1.57 -8.32 13.98
N GLY A 566 -1.93 -9.61 13.96
CA GLY A 566 -2.85 -10.08 12.95
C GLY A 566 -4.11 -9.30 13.20
N GLU A 567 -4.96 -9.17 12.19
CA GLU A 567 -6.20 -8.41 12.39
C GLU A 567 -7.01 -8.95 13.56
N ASN A 568 -7.26 -10.26 13.59
CA ASN A 568 -8.03 -10.85 14.68
C ASN A 568 -7.56 -10.34 16.05
N ALA A 569 -6.26 -10.41 16.29
CA ALA A 569 -5.69 -9.94 17.54
C ALA A 569 -5.98 -8.44 17.66
N LEU A 570 -5.29 -7.68 16.81
CA LEU A 570 -5.42 -6.22 16.78
C LEU A 570 -6.88 -5.76 16.91
N THR A 571 -7.80 -6.65 16.55
CA THR A 571 -9.22 -6.31 16.63
C THR A 571 -9.60 -6.22 18.08
N TYR A 572 -9.57 -7.38 18.75
CA TYR A 572 -9.93 -7.47 20.16
C TYR A 572 -9.14 -6.46 20.99
N ALA A 573 -7.88 -6.28 20.59
CA ALA A 573 -7.01 -5.32 21.25
C ALA A 573 -7.78 -4.01 21.37
N LEU A 574 -8.11 -3.43 20.22
CA LEU A 574 -8.82 -2.16 20.18
C LEU A 574 -10.16 -2.21 20.93
N MET A 575 -10.98 -3.21 20.62
CA MET A 575 -12.29 -3.32 21.26
C MET A 575 -12.11 -3.18 22.78
N ALA A 576 -10.99 -3.70 23.30
CA ALA A 576 -10.69 -3.62 24.74
C ALA A 576 -10.37 -2.19 25.11
N GLY A 577 -9.34 -1.65 24.46
CA GLY A 577 -8.94 -0.28 24.72
C GLY A 577 -10.16 0.63 24.78
N TYR A 578 -11.23 0.22 24.13
CA TYR A 578 -12.43 1.04 24.11
C TYR A 578 -13.31 0.99 25.36
N PHE A 579 -12.85 0.36 26.44
CA PHE A 579 -13.66 0.34 27.65
C PHE A 579 -13.51 1.66 28.35
N LYS A 580 -14.45 1.96 29.21
CA LYS A 580 -14.40 3.21 29.92
C LYS A 580 -13.31 3.21 31.00
N ILE A 581 -13.31 4.28 31.79
CA ILE A 581 -12.33 4.49 32.85
C ILE A 581 -12.95 4.99 34.15
N SER A 582 -14.23 5.35 34.10
CA SER A 582 -14.93 5.81 35.30
C SER A 582 -14.87 4.70 36.35
N PRO A 583 -15.07 5.07 37.63
CA PRO A 583 -15.02 4.07 38.71
C PRO A 583 -15.93 2.87 38.39
N VAL A 584 -17.18 3.15 38.03
CA VAL A 584 -18.14 2.08 37.70
C VAL A 584 -17.56 1.16 36.64
N ALA A 585 -17.02 1.76 35.59
CA ALA A 585 -16.43 0.98 34.49
C ALA A 585 -15.46 0.00 35.12
N LEU A 586 -14.50 0.56 35.87
CA LEU A 586 -13.49 -0.23 36.54
C LEU A 586 -14.13 -1.26 37.44
N HIS A 587 -15.26 -0.88 38.06
CA HIS A 587 -15.95 -1.80 38.92
C HIS A 587 -16.24 -3.06 38.11
N HIS A 588 -17.01 -2.89 37.03
CA HIS A 588 -17.39 -3.98 36.11
C HIS A 588 -16.14 -4.66 35.55
N GLN A 589 -15.37 -3.91 34.78
CA GLN A 589 -14.16 -4.45 34.18
C GLN A 589 -13.42 -5.33 35.20
N LEU A 590 -13.34 -4.86 36.45
CA LEU A 590 -12.68 -5.60 37.52
C LEU A 590 -13.38 -6.90 37.88
N LYS A 591 -14.66 -6.80 38.25
CA LYS A 591 -15.47 -7.97 38.61
C LYS A 591 -15.41 -9.08 37.56
N THR A 592 -15.78 -8.75 36.32
CA THR A 592 -15.78 -9.70 35.21
C THR A 592 -14.36 -10.23 34.95
N GLY A 593 -13.37 -9.42 35.26
CA GLY A 593 -11.99 -9.85 35.07
C GLY A 593 -11.36 -9.37 33.78
N LEU A 594 -11.57 -8.10 33.45
CA LEU A 594 -11.00 -7.56 32.23
C LEU A 594 -9.48 -7.52 32.35
N HIS A 595 -8.98 -6.84 33.36
CA HIS A 595 -7.54 -6.74 33.58
C HIS A 595 -7.08 -7.91 34.43
N ALA B 34 18.67 -22.11 19.65
CA ALA B 34 18.67 -20.83 18.86
C ALA B 34 18.28 -21.09 17.41
N ASN B 35 17.87 -20.03 16.70
CA ASN B 35 17.48 -20.16 15.29
C ASN B 35 18.53 -19.49 14.41
N PRO B 36 19.41 -20.28 13.79
CA PRO B 36 20.52 -19.85 12.92
C PRO B 36 20.14 -19.27 11.54
N TYR B 37 18.85 -19.12 11.26
CA TYR B 37 18.44 -18.61 9.97
C TYR B 37 19.33 -17.47 9.49
N GLY B 38 19.19 -16.30 10.10
CA GLY B 38 20.01 -15.18 9.67
C GLY B 38 21.51 -15.38 9.80
N ALA B 39 21.91 -16.43 10.52
CA ALA B 39 23.31 -16.70 10.76
C ALA B 39 24.01 -17.54 9.71
N TYR B 40 23.30 -18.51 9.14
CA TYR B 40 23.90 -19.40 8.16
C TYR B 40 23.93 -18.92 6.71
N VAL B 41 24.86 -19.44 5.93
CA VAL B 41 24.99 -19.08 4.53
C VAL B 41 25.39 -20.29 3.69
N ALA B 42 24.43 -20.80 2.92
CA ALA B 42 24.63 -21.96 2.08
C ALA B 42 25.37 -21.62 0.78
N ALA B 43 25.64 -22.64 0.00
CA ALA B 43 26.32 -22.46 -1.29
C ALA B 43 25.36 -22.88 -2.40
N PRO B 44 25.44 -22.21 -3.57
CA PRO B 44 24.62 -22.45 -4.75
C PRO B 44 24.21 -23.92 -5.01
N ALA B 45 22.89 -24.15 -5.01
CA ALA B 45 22.31 -25.48 -5.23
C ALA B 45 21.71 -25.69 -6.63
N GLY B 46 22.57 -25.70 -7.65
CA GLY B 46 22.15 -25.91 -9.03
C GLY B 46 20.91 -25.17 -9.54
N PRO B 47 19.91 -25.92 -10.06
CA PRO B 47 18.65 -25.43 -10.61
C PRO B 47 18.07 -24.20 -9.92
N ALA B 48 18.44 -23.03 -10.41
CA ALA B 48 17.96 -21.77 -9.86
C ALA B 48 16.46 -21.83 -9.57
N ALA B 49 15.68 -22.28 -10.55
CA ALA B 49 14.23 -22.38 -10.42
C ALA B 49 13.77 -23.38 -9.37
N ASP B 50 14.69 -24.11 -8.78
CA ASP B 50 14.35 -25.08 -7.75
C ASP B 50 14.79 -24.58 -6.40
N MET B 51 15.98 -23.98 -6.40
CA MET B 51 16.60 -23.41 -5.23
C MET B 51 15.60 -23.09 -4.13
N GLN B 52 14.85 -22.00 -4.32
CA GLN B 52 13.85 -21.55 -3.35
C GLN B 52 12.98 -22.65 -2.73
N GLN B 53 12.76 -23.75 -3.44
CA GLN B 53 11.95 -24.84 -2.89
C GLN B 53 12.77 -25.76 -2.02
N LEU B 54 13.95 -26.12 -2.52
CA LEU B 54 14.89 -26.96 -1.81
C LEU B 54 15.06 -26.35 -0.40
N PHE B 55 14.97 -25.02 -0.36
CA PHE B 55 15.08 -24.21 0.84
C PHE B 55 13.92 -24.50 1.81
N LEU B 56 12.71 -24.07 1.46
CA LEU B 56 11.56 -24.30 2.34
C LEU B 56 11.27 -25.76 2.72
N ASN B 57 12.09 -26.69 2.27
CA ASN B 57 11.84 -28.09 2.62
C ASN B 57 12.87 -28.65 3.57
N ALA B 58 13.85 -27.82 3.93
CA ALA B 58 14.91 -28.25 4.86
C ALA B 58 14.94 -27.33 6.07
N TRP B 59 14.36 -26.15 5.91
CA TRP B 59 14.31 -25.16 6.97
C TRP B 59 12.88 -24.90 7.37
N GLY B 60 11.98 -25.78 6.97
CA GLY B 60 10.59 -25.59 7.32
C GLY B 60 10.45 -25.65 8.84
N GLN B 61 11.19 -26.58 9.43
CA GLN B 61 11.17 -26.77 10.87
C GLN B 61 11.99 -25.67 11.53
N ARG B 62 13.27 -25.63 11.22
CA ARG B 62 14.18 -24.63 11.78
C ARG B 62 13.49 -23.26 11.92
N LEU B 63 12.66 -22.91 10.93
CA LEU B 63 11.95 -21.62 10.92
C LEU B 63 10.75 -21.53 11.86
N ALA B 64 9.73 -22.34 11.61
CA ALA B 64 8.53 -22.32 12.45
C ALA B 64 8.83 -22.59 13.93
N HIS B 65 9.93 -23.28 14.20
CA HIS B 65 10.31 -23.61 15.57
C HIS B 65 10.88 -22.40 16.28
N GLY B 66 12.21 -22.32 16.32
CA GLY B 66 12.86 -21.20 17.00
C GLY B 66 12.34 -19.85 16.56
N ARG B 67 12.81 -18.79 17.21
CA ARG B 67 12.39 -17.44 16.84
C ARG B 67 13.55 -16.68 16.22
N VAL B 68 13.23 -15.71 15.35
CA VAL B 68 14.26 -14.92 14.69
C VAL B 68 14.42 -13.56 15.36
N ARG B 69 15.68 -13.22 15.65
CA ARG B 69 16.04 -11.99 16.31
C ARG B 69 15.96 -10.76 15.40
N TRP B 70 16.84 -10.68 14.40
CA TRP B 70 16.92 -9.54 13.49
C TRP B 70 15.56 -9.06 12.97
N VAL B 71 14.68 -10.01 12.65
CA VAL B 71 13.36 -9.66 12.15
C VAL B 71 12.54 -9.08 13.31
N ALA B 72 12.77 -7.80 13.62
CA ALA B 72 12.05 -7.14 14.71
C ALA B 72 12.08 -5.62 14.56
N LEU B 89 17.96 -6.18 21.55
CA LEU B 89 19.30 -5.65 21.76
C LEU B 89 20.00 -6.38 22.93
N ALA B 90 20.00 -7.70 22.87
CA ALA B 90 20.63 -8.51 23.90
C ALA B 90 22.17 -8.48 23.81
N LEU B 91 22.70 -8.66 22.61
CA LEU B 91 24.14 -8.64 22.41
C LEU B 91 24.55 -7.41 21.61
N GLU B 92 23.97 -6.26 21.93
CA GLU B 92 24.32 -5.03 21.24
C GLU B 92 25.58 -4.44 21.90
N LEU B 93 26.65 -5.22 21.85
CA LEU B 93 27.91 -4.85 22.45
C LEU B 93 28.61 -3.69 21.71
N HIS B 94 28.39 -3.56 20.41
CA HIS B 94 29.06 -2.48 19.70
C HIS B 94 28.33 -1.98 18.47
N PRO B 95 28.45 -0.68 18.19
CA PRO B 95 27.81 -0.02 17.04
C PRO B 95 28.32 -0.54 15.71
N ALA B 96 29.61 -0.35 15.48
CA ALA B 96 30.20 -0.80 14.23
C ALA B 96 30.09 -2.30 13.99
N PHE B 97 29.36 -3.05 14.82
CA PHE B 97 29.26 -4.48 14.57
C PHE B 97 27.94 -5.12 14.92
N ASP B 98 27.80 -6.37 14.51
CA ASP B 98 26.60 -7.11 14.81
C ASP B 98 27.06 -8.39 15.46
N PHE B 99 26.57 -8.65 16.67
CA PHE B 99 26.94 -9.85 17.38
C PHE B 99 25.74 -10.78 17.42
N PHE B 100 25.97 -12.02 17.02
CA PHE B 100 24.88 -12.98 16.98
C PHE B 100 25.37 -14.37 17.31
N VAL B 101 24.41 -15.25 17.61
CA VAL B 101 24.69 -16.64 17.93
C VAL B 101 25.18 -17.33 16.66
N GLY B 102 26.43 -17.47 16.50
CA GLY B 102 26.77 -18.18 15.32
C GLY B 102 26.39 -19.66 15.35
N VAL B 103 27.25 -20.29 14.53
CA VAL B 103 27.36 -21.64 14.13
C VAL B 103 28.80 -22.03 14.36
N ALA B 104 29.00 -23.19 14.90
CA ALA B 104 30.39 -23.58 15.10
C ALA B 104 31.76 -23.83 14.47
N ASP B 105 31.67 -24.86 13.63
CA ASP B 105 32.78 -25.32 12.84
C ASP B 105 32.54 -25.09 11.37
N VAL B 106 31.41 -24.65 10.93
CA VAL B 106 31.17 -24.50 9.50
C VAL B 106 31.80 -23.31 8.82
N GLU B 107 32.62 -23.67 7.83
CA GLU B 107 33.24 -22.69 7.00
C GLU B 107 32.04 -22.09 6.29
N LEU B 108 31.48 -21.04 6.88
CA LEU B 108 30.30 -20.37 6.35
C LEU B 108 30.04 -20.41 4.84
N PRO B 109 31.02 -20.02 4.00
CA PRO B 109 30.78 -20.05 2.55
C PRO B 109 29.91 -21.18 2.00
N GLY B 110 30.12 -22.41 2.48
CA GLY B 110 29.34 -23.53 1.99
C GLY B 110 28.32 -24.14 2.95
N GLY B 111 28.08 -25.45 2.78
CA GLY B 111 27.14 -26.18 3.62
C GLY B 111 25.68 -26.07 3.21
N ASP B 112 24.97 -27.21 3.17
CA ASP B 112 23.55 -27.24 2.78
C ASP B 112 22.62 -26.87 3.94
N VAL B 113 22.97 -27.35 5.12
CA VAL B 113 22.19 -27.09 6.33
C VAL B 113 23.19 -26.99 7.49
N PRO B 114 22.89 -26.18 8.51
CA PRO B 114 23.75 -25.99 9.69
C PRO B 114 23.97 -27.25 10.51
N PRO B 115 25.21 -27.78 10.51
CA PRO B 115 25.56 -28.99 11.26
C PRO B 115 25.24 -28.86 12.74
N ALA B 116 23.94 -28.82 13.04
CA ALA B 116 23.45 -28.69 14.41
C ALA B 116 24.48 -29.06 15.46
N GLY B 117 24.75 -28.15 16.37
CA GLY B 117 25.72 -28.43 17.42
C GLY B 117 26.10 -27.26 18.31
N PRO B 118 27.39 -27.15 18.66
CA PRO B 118 27.93 -26.10 19.51
C PRO B 118 27.77 -24.70 18.94
N GLY B 119 26.62 -24.07 19.21
CA GLY B 119 26.38 -22.74 18.70
C GLY B 119 27.26 -21.70 19.37
N GLU B 120 28.33 -21.29 18.70
CA GLU B 120 29.22 -20.28 19.27
C GLU B 120 28.61 -18.89 19.03
N ILE B 121 29.39 -17.84 19.30
CA ILE B 121 28.90 -16.49 19.12
C ILE B 121 29.83 -15.65 18.26
N GLN B 122 29.38 -15.35 17.04
CA GLN B 122 30.19 -14.57 16.10
C GLN B 122 29.70 -13.13 15.98
N ALA B 123 30.53 -12.32 15.33
CA ALA B 123 30.19 -10.92 15.13
C ALA B 123 30.61 -10.52 13.73
N THR B 124 29.75 -9.74 13.09
CA THR B 124 29.99 -9.27 11.72
C THR B 124 30.02 -7.75 11.69
N TRP B 125 30.74 -7.21 10.72
CA TRP B 125 30.90 -5.76 10.61
C TRP B 125 29.81 -4.97 9.90
N ARG B 126 28.83 -4.43 10.64
CA ARG B 126 27.79 -3.61 9.99
C ARG B 126 28.56 -2.70 9.06
N VAL B 127 28.26 -2.74 7.77
CA VAL B 127 29.02 -1.93 6.85
C VAL B 127 28.55 -0.49 6.67
N VAL B 128 27.36 -0.32 6.16
CA VAL B 128 26.87 1.03 6.00
C VAL B 128 26.33 1.46 7.35
N ASN B 129 26.25 2.76 7.55
CA ASN B 129 25.73 3.28 8.79
C ASN B 129 24.25 2.92 8.85
N GLY B 130 23.64 2.68 7.70
CA GLY B 130 22.23 2.35 7.67
C GLY B 130 21.91 1.07 8.42
N ASN B 131 22.94 0.26 8.66
CA ASN B 131 22.72 -0.99 9.34
C ASN B 131 22.57 -0.95 10.86
N LEU B 132 22.78 0.22 11.48
CA LEU B 132 22.62 0.31 12.94
C LEU B 132 21.13 0.11 13.23
N PRO B 133 20.79 -0.85 14.10
CA PRO B 133 19.38 -1.09 14.41
C PRO B 133 18.55 0.18 14.60
N LEU B 134 17.25 0.08 14.29
CA LEU B 134 16.38 1.23 14.41
C LEU B 134 16.27 1.71 15.84
N ALA B 135 16.73 0.87 16.76
CA ALA B 135 16.73 1.24 18.17
C ALA B 135 17.70 2.40 18.31
N LEU B 136 18.98 2.12 18.16
CA LEU B 136 20.03 3.13 18.25
C LEU B 136 19.86 4.26 17.24
N CYS B 137 19.26 3.94 16.09
CA CYS B 137 19.06 4.91 15.01
C CYS B 137 17.63 4.83 14.50
N PRO B 138 16.75 5.70 15.03
CA PRO B 138 15.33 5.79 14.70
C PRO B 138 15.07 6.02 13.24
N ALA B 139 13.97 5.45 12.75
CA ALA B 139 13.60 5.64 11.36
C ALA B 139 13.32 7.15 11.23
N ALA B 140 12.39 7.63 12.05
CA ALA B 140 12.00 9.02 12.08
C ALA B 140 13.19 9.95 11.93
N PHE B 141 14.36 9.50 12.36
CA PHE B 141 15.55 10.32 12.21
C PHE B 141 16.05 10.25 10.78
N ARG B 142 16.56 9.09 10.38
CA ARG B 142 17.10 8.89 9.03
C ARG B 142 16.19 9.49 7.97
N ASP B 143 14.88 9.47 8.21
CA ASP B 143 13.95 10.07 7.27
C ASP B 143 14.35 11.55 7.25
N ALA B 144 14.19 12.19 8.39
CA ALA B 144 14.53 13.62 8.55
C ALA B 144 15.87 13.97 7.90
N ARG B 145 16.83 13.06 8.07
CA ARG B 145 18.16 13.23 7.51
C ARG B 145 18.02 13.44 6.00
N GLY B 146 17.46 12.45 5.32
CA GLY B 146 17.29 12.55 3.89
C GLY B 146 16.50 13.80 3.53
N LEU B 147 15.43 14.04 4.30
CA LEU B 147 14.57 15.19 4.04
C LEU B 147 15.34 16.51 3.90
N GLU B 148 16.15 16.84 4.90
CA GLU B 148 16.94 18.06 4.87
C GLU B 148 18.01 17.90 3.79
N LEU B 149 18.46 16.66 3.62
CA LEU B 149 19.48 16.33 2.63
C LEU B 149 18.93 16.64 1.24
N GLY B 150 17.62 16.46 1.09
CA GLY B 150 16.97 16.71 -0.18
C GLY B 150 17.02 18.15 -0.63
N VAL B 151 16.43 19.05 0.15
CA VAL B 151 16.40 20.47 -0.20
C VAL B 151 17.63 20.92 -0.99
N GLY B 152 17.38 21.48 -2.19
CA GLY B 152 18.46 21.96 -3.03
C GLY B 152 18.95 20.96 -4.07
N ARG B 153 18.37 19.77 -4.05
CA ARG B 153 18.75 18.72 -4.99
C ARG B 153 17.51 18.26 -5.74
N HIS B 154 17.75 17.47 -6.79
CA HIS B 154 16.69 16.92 -7.64
C HIS B 154 15.42 16.47 -6.90
N ALA B 155 14.28 16.49 -7.58
CA ALA B 155 13.03 16.08 -6.95
C ALA B 155 11.91 15.66 -7.90
N MET B 156 11.78 14.36 -8.12
CA MET B 156 10.74 13.80 -8.99
C MET B 156 9.40 14.53 -8.77
N ALA B 157 8.86 15.08 -9.86
CA ALA B 157 7.60 15.82 -9.79
C ALA B 157 6.40 14.93 -9.42
N PRO B 158 5.35 15.53 -8.85
CA PRO B 158 4.14 14.80 -8.43
C PRO B 158 3.78 13.73 -9.47
N ALA B 159 3.63 14.17 -10.71
CA ALA B 159 3.30 13.30 -11.83
C ALA B 159 4.18 12.05 -11.83
N THR B 160 5.46 12.23 -12.15
CA THR B 160 6.39 11.10 -12.19
C THR B 160 6.25 10.12 -11.05
N ILE B 161 5.97 10.60 -9.86
CA ILE B 161 5.83 9.70 -8.71
C ILE B 161 4.57 8.86 -8.90
N ALA B 162 3.42 9.52 -8.86
CA ALA B 162 2.14 8.83 -9.03
C ALA B 162 2.23 7.84 -10.19
N ALA B 163 2.89 8.25 -11.27
CA ALA B 163 3.04 7.41 -12.45
C ALA B 163 3.79 6.13 -12.11
N VAL B 164 5.03 6.29 -11.66
CA VAL B 164 5.84 5.12 -11.34
C VAL B 164 5.31 4.30 -10.18
N ARG B 165 4.80 4.99 -9.16
CA ARG B 165 4.30 4.24 -8.02
C ARG B 165 3.20 3.38 -8.62
N GLY B 166 2.20 4.05 -9.19
CA GLY B 166 1.06 3.39 -9.82
C GLY B 166 1.45 2.11 -10.55
N ALA B 167 2.49 2.18 -11.38
CA ALA B 167 2.94 0.99 -12.09
C ALA B 167 3.18 -0.09 -11.03
N PHE B 168 4.06 0.23 -10.07
CA PHE B 168 4.42 -0.70 -9.00
C PHE B 168 3.25 -1.24 -8.21
N ASP B 169 2.26 -0.38 -7.95
CA ASP B 169 1.07 -0.79 -7.18
C ASP B 169 -0.02 -1.45 -8.03
N ASP B 170 0.14 -1.42 -9.36
CA ASP B 170 -0.85 -2.00 -10.27
C ASP B 170 -0.85 -3.53 -10.26
N ARG B 171 -1.95 -4.10 -9.75
CA ARG B 171 -2.12 -5.55 -9.66
C ARG B 171 -2.53 -6.14 -11.02
N ASN B 172 -2.98 -5.29 -11.93
CA ASN B 172 -3.41 -5.70 -13.27
C ASN B 172 -2.39 -5.29 -14.32
N TYR B 173 -1.19 -4.97 -13.88
CA TYR B 173 -0.11 -4.57 -14.79
C TYR B 173 0.06 -5.65 -15.86
N PRO B 174 -0.16 -5.27 -17.15
CA PRO B 174 -0.04 -6.18 -18.31
C PRO B 174 1.14 -7.15 -18.24
N ALA B 175 0.83 -8.41 -17.99
CA ALA B 175 1.84 -9.45 -17.88
C ALA B 175 2.81 -9.38 -19.06
N VAL B 176 2.25 -9.33 -20.26
CA VAL B 176 3.04 -9.25 -21.49
C VAL B 176 4.38 -8.52 -21.27
N PHE B 177 4.31 -7.32 -20.70
CA PHE B 177 5.50 -6.54 -20.42
C PHE B 177 6.62 -7.36 -19.76
N TYR B 178 6.28 -8.24 -18.82
CA TYR B 178 7.33 -9.04 -18.19
C TYR B 178 7.94 -9.96 -19.24
N LEU B 179 7.09 -10.70 -19.96
CA LEU B 179 7.63 -11.60 -20.97
C LEU B 179 8.46 -10.81 -21.98
N LEU B 180 7.99 -9.60 -22.33
CA LEU B 180 8.72 -8.76 -23.27
C LEU B 180 10.09 -8.44 -22.66
N GLN B 181 10.06 -7.88 -21.45
CA GLN B 181 11.26 -7.53 -20.72
C GLN B 181 12.16 -8.77 -20.66
N ALA B 182 11.56 -9.92 -20.38
CA ALA B 182 12.31 -11.16 -20.31
C ALA B 182 13.05 -11.36 -21.64
N ALA B 183 12.29 -11.28 -22.75
CA ALA B 183 12.82 -11.43 -24.10
C ALA B 183 13.92 -10.40 -24.37
N ILE B 184 13.66 -9.15 -24.01
CA ILE B 184 14.61 -8.03 -24.12
C ILE B 184 15.57 -8.00 -22.89
N HIS B 185 16.31 -9.08 -22.75
CA HIS B 185 17.16 -9.37 -21.59
C HIS B 185 18.27 -8.38 -21.34
N GLY B 186 17.86 -7.11 -21.22
CA GLY B 186 18.82 -6.05 -21.01
C GLY B 186 19.52 -5.72 -22.33
N SER B 187 19.29 -6.53 -23.38
CA SER B 187 19.93 -6.27 -24.67
C SER B 187 19.50 -4.95 -25.29
N GLU B 188 20.48 -4.09 -25.55
CA GLU B 188 20.20 -2.79 -26.15
C GLU B 188 19.86 -3.06 -27.62
N HIS B 189 20.66 -3.92 -28.25
CA HIS B 189 20.50 -4.32 -29.64
C HIS B 189 19.05 -4.72 -29.89
N VAL B 190 18.54 -5.62 -29.04
CA VAL B 190 17.17 -6.08 -29.17
C VAL B 190 16.17 -5.00 -28.77
N PHE B 191 16.48 -4.20 -27.76
CA PHE B 191 15.55 -3.17 -27.39
C PHE B 191 15.35 -2.33 -28.64
N CYS B 192 16.40 -2.20 -29.44
CA CYS B 192 16.28 -1.42 -30.65
C CYS B 192 15.40 -2.10 -31.70
N ALA B 193 15.52 -3.41 -31.84
CA ALA B 193 14.68 -4.11 -32.80
C ALA B 193 13.21 -3.88 -32.41
N LEU B 194 12.77 -4.50 -31.31
CA LEU B 194 11.38 -4.36 -30.87
C LEU B 194 10.99 -2.92 -30.52
N ALA B 195 11.90 -1.99 -30.78
CA ALA B 195 11.64 -0.58 -30.45
C ALA B 195 10.23 -0.15 -30.84
N ARG B 196 9.84 -0.43 -32.08
CA ARG B 196 8.50 -0.05 -32.53
C ARG B 196 7.51 -0.66 -31.54
N LEU B 197 7.58 -1.98 -31.44
CA LEU B 197 6.70 -2.75 -30.55
C LEU B 197 6.58 -2.10 -29.19
N VAL B 198 7.73 -1.82 -28.59
CA VAL B 198 7.78 -1.19 -27.27
C VAL B 198 7.03 0.12 -27.23
N VAL B 199 7.40 1.04 -28.13
CA VAL B 199 6.74 2.35 -28.14
C VAL B 199 5.23 2.19 -28.07
N GLN B 200 4.73 1.09 -28.64
CA GLN B 200 3.29 0.82 -28.63
C GLN B 200 2.82 0.52 -27.20
N CYS B 201 3.40 -0.52 -26.60
CA CYS B 201 3.04 -0.92 -25.25
C CYS B 201 3.03 0.27 -24.30
N ILE B 202 4.14 0.98 -24.25
CA ILE B 202 4.23 2.12 -23.37
C ILE B 202 3.09 3.10 -23.60
N THR B 203 2.94 3.55 -24.84
CA THR B 203 1.88 4.51 -25.12
C THR B 203 0.55 3.88 -24.76
N SER B 204 0.36 2.64 -25.22
CA SER B 204 -0.87 1.90 -24.93
C SER B 204 -1.17 2.03 -23.43
N TYR B 205 -0.29 1.41 -22.62
CA TYR B 205 -0.41 1.40 -21.16
C TYR B 205 -0.61 2.81 -20.61
N TRP B 206 0.24 3.72 -21.04
CA TRP B 206 0.15 5.09 -20.58
C TRP B 206 -1.26 5.70 -20.74
N ASN B 207 -1.86 5.50 -21.91
CA ASN B 207 -3.19 6.06 -22.18
C ASN B 207 -4.26 5.41 -21.32
N ASN B 208 -4.05 4.15 -20.95
CA ASN B 208 -5.02 3.42 -20.15
C ASN B 208 -4.95 3.85 -18.68
N THR B 209 -3.75 4.13 -18.21
CA THR B 209 -3.50 4.52 -16.82
C THR B 209 -2.15 5.18 -16.78
N ARG B 210 -2.12 6.50 -16.59
CA ARG B 210 -0.86 7.23 -16.58
C ARG B 210 0.18 6.50 -15.73
N CYS B 211 0.87 5.53 -16.32
CA CYS B 211 1.87 4.74 -15.58
C CYS B 211 3.05 4.33 -16.42
N ALA B 212 4.25 4.57 -15.89
CA ALA B 212 5.48 4.21 -16.61
C ALA B 212 5.42 2.72 -16.95
N ALA B 213 5.66 2.42 -18.23
CA ALA B 213 5.60 1.06 -18.73
C ALA B 213 6.58 0.07 -18.09
N PHE B 214 7.88 0.25 -18.26
CA PHE B 214 8.82 -0.74 -17.72
C PHE B 214 9.70 -0.37 -16.52
N VAL B 215 9.19 0.48 -15.61
CA VAL B 215 9.97 0.91 -14.45
C VAL B 215 10.62 -0.21 -13.64
N ASN B 216 10.17 -1.46 -13.80
CA ASN B 216 10.75 -2.56 -13.04
C ASN B 216 12.12 -3.02 -13.59
N ASP B 217 12.67 -2.30 -14.57
CA ASP B 217 13.97 -2.65 -15.16
C ASP B 217 14.72 -1.38 -15.56
N TYR B 218 15.90 -1.15 -14.99
CA TYR B 218 16.64 0.07 -15.31
C TYR B 218 17.17 0.11 -16.73
N SER B 219 17.71 -1.01 -17.19
CA SER B 219 18.23 -1.10 -18.55
C SER B 219 17.17 -0.55 -19.52
N LEU B 220 15.93 -1.03 -19.40
CA LEU B 220 14.88 -0.54 -20.29
C LEU B 220 14.73 0.95 -20.03
N VAL B 221 14.29 1.31 -18.82
CA VAL B 221 14.11 2.72 -18.50
C VAL B 221 15.25 3.56 -19.05
N SER B 222 16.47 3.01 -18.96
CA SER B 222 17.64 3.73 -19.46
C SER B 222 17.39 4.06 -20.93
N TYR B 223 17.19 3.02 -21.75
CA TYR B 223 16.91 3.16 -23.18
C TYR B 223 15.73 4.10 -23.48
N VAL B 224 14.55 3.77 -22.94
CA VAL B 224 13.36 4.59 -23.12
C VAL B 224 13.66 6.08 -22.98
N VAL B 225 14.82 6.39 -22.41
CA VAL B 225 15.24 7.78 -22.25
C VAL B 225 16.23 8.07 -23.37
N THR B 226 17.15 7.13 -23.60
CA THR B 226 18.15 7.28 -24.64
C THR B 226 17.46 7.51 -25.98
N TYR B 227 16.55 6.72 -26.27
CA TYR B 227 15.94 6.66 -27.66
C TYR B 227 14.59 6.79 -28.36
N LEU B 228 13.53 6.85 -27.58
CA LEU B 228 12.21 7.00 -28.26
C LEU B 228 11.86 8.44 -27.96
N GLY B 229 12.74 9.38 -28.50
CA GLY B 229 12.65 10.80 -28.21
C GLY B 229 11.23 11.31 -28.40
N GLY B 230 10.89 11.63 -29.64
CA GLY B 230 9.55 12.11 -29.93
C GLY B 230 8.60 10.99 -30.29
N ASP B 231 8.80 9.81 -29.69
CA ASP B 231 7.95 8.66 -29.97
C ASP B 231 6.88 8.42 -28.91
N LEU B 232 7.09 8.92 -27.69
CA LEU B 232 6.06 8.74 -26.65
C LEU B 232 5.48 10.10 -26.28
N PRO B 233 4.20 10.14 -25.91
CA PRO B 233 3.53 11.39 -25.52
C PRO B 233 4.43 12.26 -24.64
N GLU B 234 4.29 13.58 -24.74
CA GLU B 234 5.13 14.46 -23.94
C GLU B 234 5.05 14.12 -22.46
N GLU B 235 3.90 14.44 -21.85
CA GLU B 235 3.67 14.19 -20.44
C GLU B 235 4.25 12.85 -20.00
N CYS B 236 4.26 11.88 -20.90
CA CYS B 236 4.77 10.57 -20.57
C CYS B 236 6.29 10.42 -20.62
N MET B 237 6.93 10.84 -21.72
CA MET B 237 8.39 10.70 -21.80
C MET B 237 8.95 11.37 -20.58
N ALA B 238 8.31 12.48 -20.18
CA ALA B 238 8.69 13.26 -19.01
C ALA B 238 9.11 12.29 -17.90
N VAL B 239 8.12 11.52 -17.45
CA VAL B 239 8.35 10.53 -16.41
C VAL B 239 9.67 9.79 -16.59
N TYR B 240 9.75 8.96 -17.62
CA TYR B 240 10.98 8.20 -17.85
C TYR B 240 12.26 9.02 -17.68
N ARG B 241 12.24 10.28 -18.11
CA ARG B 241 13.41 11.14 -18.02
C ARG B 241 13.65 11.49 -16.55
N ASP B 242 12.62 12.05 -15.92
CA ASP B 242 12.68 12.43 -14.51
C ASP B 242 13.31 11.30 -13.71
N LEU B 243 12.82 10.09 -13.91
CA LEU B 243 13.36 8.94 -13.22
C LEU B 243 14.89 8.94 -13.27
N VAL B 244 15.44 8.80 -14.47
CA VAL B 244 16.89 8.80 -14.61
C VAL B 244 17.49 10.09 -14.05
N ALA B 245 16.80 11.21 -14.24
CA ALA B 245 17.29 12.51 -13.75
C ALA B 245 17.53 12.51 -12.22
N HIS B 246 16.79 11.64 -11.53
CA HIS B 246 16.88 11.49 -10.09
C HIS B 246 18.08 10.58 -9.83
N VAL B 247 18.02 9.36 -10.34
CA VAL B 247 19.14 8.42 -10.18
C VAL B 247 20.46 9.13 -10.50
N GLU B 248 20.40 10.16 -11.32
CA GLU B 248 21.61 10.88 -11.67
C GLU B 248 22.07 11.71 -10.47
N ALA B 249 21.13 12.31 -9.74
CA ALA B 249 21.46 13.13 -8.56
C ALA B 249 21.91 12.25 -7.37
N LEU B 250 21.22 11.14 -7.15
CA LEU B 250 21.58 10.24 -6.06
C LEU B 250 23.02 9.81 -6.26
N ALA B 251 23.44 9.75 -7.53
CA ALA B 251 24.81 9.34 -7.84
C ALA B 251 25.78 10.45 -7.41
N GLN B 252 25.42 11.69 -7.73
CA GLN B 252 26.23 12.84 -7.40
C GLN B 252 26.42 12.98 -5.90
N LEU B 253 25.41 12.56 -5.14
CA LEU B 253 25.47 12.68 -3.68
C LEU B 253 26.74 12.09 -3.10
N VAL B 254 27.17 10.95 -3.62
CA VAL B 254 28.39 10.34 -3.10
C VAL B 254 29.56 11.30 -3.27
N ASP B 255 29.81 11.74 -4.49
CA ASP B 255 30.92 12.65 -4.76
C ASP B 255 30.80 13.96 -3.96
N ASP B 256 29.56 14.29 -3.56
CA ASP B 256 29.29 15.49 -2.79
C ASP B 256 29.81 15.39 -1.35
N PHE B 257 30.04 14.15 -0.91
CA PHE B 257 30.51 13.91 0.44
C PHE B 257 31.71 12.97 0.46
N THR B 258 32.58 13.13 -0.55
CA THR B 258 33.82 12.38 -0.63
C THR B 258 34.85 13.46 -0.85
N LEU B 259 36.10 13.16 -0.50
CA LEU B 259 37.17 14.13 -0.64
C LEU B 259 38.06 13.84 -1.82
N THR B 260 38.36 14.89 -2.58
CA THR B 260 39.20 14.78 -3.77
C THR B 260 40.67 14.67 -3.39
N GLY B 261 41.18 13.43 -3.35
CA GLY B 261 42.57 13.23 -2.99
C GLY B 261 43.22 12.01 -3.63
N PRO B 262 44.02 11.25 -2.87
CA PRO B 262 44.72 10.04 -3.31
C PRO B 262 43.82 8.87 -3.67
N GLU B 263 44.44 7.71 -3.91
CA GLU B 263 43.73 6.50 -4.25
C GLU B 263 44.19 5.37 -3.35
N LEU B 264 43.48 5.19 -2.24
CA LEU B 264 43.81 4.17 -1.25
C LEU B 264 43.46 2.75 -1.72
N GLY B 265 44.42 1.83 -1.59
CA GLY B 265 44.21 0.44 -1.97
C GLY B 265 43.74 0.14 -3.38
N GLY B 266 44.25 0.88 -4.36
CA GLY B 266 43.85 0.65 -5.73
C GLY B 266 42.37 0.90 -5.97
N GLN B 267 41.70 1.47 -4.97
CA GLN B 267 40.28 1.79 -5.06
C GLN B 267 40.05 3.28 -4.75
N ALA B 268 39.42 4.00 -5.67
CA ALA B 268 39.15 5.42 -5.47
C ALA B 268 38.51 5.65 -4.11
N GLN B 269 38.52 6.90 -3.66
CA GLN B 269 37.96 7.20 -2.36
C GLN B 269 36.48 6.84 -2.24
N ALA B 270 35.66 7.30 -3.18
CA ALA B 270 34.23 7.02 -3.13
C ALA B 270 33.96 5.53 -2.89
N GLU B 271 34.77 4.66 -3.48
CA GLU B 271 34.59 3.23 -3.31
C GLU B 271 34.77 2.80 -1.86
N LEU B 272 35.48 3.61 -1.09
CA LEU B 272 35.72 3.31 0.31
C LEU B 272 34.74 4.07 1.16
N ASN B 273 34.31 5.23 0.65
CA ASN B 273 33.39 6.09 1.37
C ASN B 273 31.90 5.73 1.23
N HIS B 274 31.55 5.01 0.15
CA HIS B 274 30.14 4.64 -0.09
C HIS B 274 29.91 3.27 -0.70
N LEU B 275 28.81 2.63 -0.33
CA LEU B 275 28.53 1.28 -0.82
C LEU B 275 28.14 1.16 -2.29
N MET B 276 27.14 1.93 -2.75
CA MET B 276 26.70 1.88 -4.14
C MET B 276 27.91 2.04 -5.10
N ARG B 277 28.72 3.06 -4.88
CA ARG B 277 29.92 3.30 -5.71
C ARG B 277 30.98 2.23 -5.45
N ASP B 278 30.66 1.21 -4.67
CA ASP B 278 31.67 0.18 -4.37
C ASP B 278 31.61 -1.04 -5.28
N PRO B 279 32.58 -1.15 -6.20
CA PRO B 279 32.71 -2.24 -7.18
C PRO B 279 32.73 -3.66 -6.60
N ALA B 280 32.66 -3.76 -5.28
CA ALA B 280 32.66 -5.06 -4.61
C ALA B 280 31.26 -5.65 -4.56
N LEU B 281 30.27 -4.76 -4.59
CA LEU B 281 28.88 -5.17 -4.53
C LEU B 281 28.21 -5.05 -5.90
N LEU B 282 27.83 -6.19 -6.48
CA LEU B 282 27.17 -6.12 -7.77
C LEU B 282 25.68 -6.08 -7.46
N PRO B 283 24.92 -5.30 -8.27
CA PRO B 283 23.46 -5.15 -8.09
C PRO B 283 22.73 -6.48 -8.06
N PRO B 284 21.56 -6.52 -7.43
CA PRO B 284 20.73 -7.72 -7.28
C PRO B 284 20.49 -8.47 -8.57
N LEU B 285 20.19 -7.75 -9.65
CA LEU B 285 19.91 -8.33 -10.97
C LEU B 285 20.93 -7.91 -12.02
N VAL B 286 21.54 -8.88 -12.68
CA VAL B 286 22.54 -8.55 -13.68
C VAL B 286 22.31 -9.24 -15.01
N TRP B 287 21.98 -8.47 -16.05
CA TRP B 287 21.75 -9.03 -17.38
C TRP B 287 23.08 -9.41 -18.06
N ASP B 288 24.04 -8.50 -18.10
CA ASP B 288 25.35 -8.79 -18.72
C ASP B 288 26.38 -9.19 -17.64
N CYS B 289 27.67 -9.00 -17.91
CA CYS B 289 28.69 -9.36 -16.93
C CYS B 289 29.67 -8.23 -16.66
N ASP B 290 29.23 -6.99 -16.76
CA ASP B 290 30.14 -5.88 -16.49
C ASP B 290 30.50 -5.85 -15.01
N ALA B 291 29.50 -5.54 -14.19
CA ALA B 291 29.71 -5.46 -12.75
C ALA B 291 30.47 -6.70 -12.27
N LEU B 292 30.22 -7.84 -12.89
CA LEU B 292 30.88 -9.06 -12.48
C LEU B 292 32.35 -9.12 -12.90
N MET B 293 32.70 -8.49 -14.02
CA MET B 293 34.08 -8.49 -14.48
C MET B 293 34.89 -7.57 -13.57
N ARG B 294 34.54 -6.29 -13.57
CA ARG B 294 35.20 -5.27 -12.76
C ARG B 294 35.43 -5.79 -11.33
N ARG B 295 34.44 -6.52 -10.83
CA ARG B 295 34.48 -7.08 -9.50
C ARG B 295 35.68 -8.01 -9.34
N ALA B 296 35.70 -9.09 -10.12
CA ALA B 296 36.81 -10.04 -10.07
C ALA B 296 38.15 -9.34 -10.29
N ALA B 297 38.09 -8.09 -10.76
CA ALA B 297 39.29 -7.29 -11.00
C ALA B 297 39.60 -6.37 -9.82
N LEU B 298 39.64 -6.95 -8.63
CA LEU B 298 39.92 -6.19 -7.42
C LEU B 298 41.11 -6.82 -6.70
N ASP B 299 41.91 -5.98 -6.04
CA ASP B 299 43.10 -6.41 -5.32
C ASP B 299 42.85 -7.61 -4.42
N ARG B 300 43.87 -8.44 -4.25
CA ARG B 300 43.78 -9.63 -3.42
C ARG B 300 43.20 -9.33 -2.03
N HIS B 301 43.64 -8.21 -1.45
CA HIS B 301 43.19 -7.78 -0.13
C HIS B 301 41.69 -7.52 0.03
N ARG B 302 40.85 -8.29 -0.67
CA ARG B 302 39.44 -8.08 -0.61
C ARG B 302 38.95 -9.49 -0.46
N ASP B 303 39.63 -10.27 -1.32
CA ASP B 303 39.46 -11.70 -1.54
C ASP B 303 38.03 -11.96 -1.96
N CYS B 304 37.79 -11.74 -3.25
CA CYS B 304 36.46 -11.92 -3.82
C CYS B 304 36.23 -13.36 -4.25
N ARG B 305 35.02 -13.84 -3.99
CA ARG B 305 34.64 -15.20 -4.36
C ARG B 305 33.21 -15.18 -4.92
N VAL B 306 33.07 -15.43 -6.22
CA VAL B 306 31.76 -15.44 -6.85
C VAL B 306 31.40 -16.87 -7.25
N SER B 307 30.20 -17.30 -6.88
CA SER B 307 29.76 -18.64 -7.22
C SER B 307 28.54 -18.61 -8.13
N ALA B 308 28.75 -19.01 -9.38
CA ALA B 308 27.68 -19.03 -10.37
C ALA B 308 26.92 -20.36 -10.34
N GLY B 309 25.76 -20.36 -9.69
CA GLY B 309 24.96 -21.55 -9.61
C GLY B 309 25.72 -22.74 -9.01
N GLY B 310 26.93 -22.48 -8.54
CA GLY B 310 27.75 -23.53 -7.96
C GLY B 310 28.99 -23.85 -8.77
N HIS B 311 29.33 -23.00 -9.74
CA HIS B 311 30.49 -23.21 -10.60
C HIS B 311 31.24 -21.91 -10.84
N ASP B 312 32.53 -22.02 -11.15
CA ASP B 312 33.31 -20.83 -11.45
C ASP B 312 32.63 -20.26 -12.69
N PRO B 313 32.16 -19.01 -12.60
CA PRO B 313 31.48 -18.33 -13.70
C PRO B 313 32.28 -18.10 -14.98
N VAL B 314 31.86 -18.74 -16.07
CA VAL B 314 32.50 -18.60 -17.37
C VAL B 314 31.59 -17.75 -18.26
N TYR B 315 32.17 -16.76 -18.94
CA TYR B 315 31.39 -15.86 -19.80
C TYR B 315 31.02 -16.40 -21.18
N ALA B 316 30.13 -15.67 -21.86
CA ALA B 316 29.66 -16.01 -23.20
C ALA B 316 29.31 -14.72 -23.94
N ALA B 317 29.91 -14.51 -25.10
CA ALA B 317 29.68 -13.31 -25.89
C ALA B 317 28.32 -13.23 -26.58
N ALA B 318 27.69 -14.38 -26.84
CA ALA B 318 26.37 -14.40 -27.52
C ALA B 318 25.59 -15.72 -27.46
N CYS B 319 24.35 -15.68 -27.93
CA CYS B 319 23.50 -16.86 -27.89
C CYS B 319 22.40 -16.85 -28.97
N ASN B 320 22.38 -17.86 -29.83
CA ASN B 320 21.39 -17.97 -30.91
C ASN B 320 20.22 -18.81 -30.46
N VAL B 321 19.75 -19.62 -31.41
CA VAL B 321 18.64 -20.54 -31.17
C VAL B 321 19.25 -21.93 -31.28
N ALA B 322 20.46 -21.97 -31.82
CA ALA B 322 21.20 -23.21 -31.98
C ALA B 322 22.05 -23.37 -30.73
N THR B 323 22.59 -22.25 -30.29
CA THR B 323 23.45 -22.18 -29.11
C THR B 323 22.67 -22.35 -27.82
N ALA B 324 21.51 -21.70 -27.77
CA ALA B 324 20.65 -21.72 -26.58
C ALA B 324 20.31 -23.09 -26.01
N ASP B 325 20.66 -23.28 -24.74
CA ASP B 325 20.38 -24.51 -24.01
C ASP B 325 19.68 -24.15 -22.71
N PHE B 326 18.36 -24.14 -22.74
CA PHE B 326 17.55 -23.80 -21.57
C PHE B 326 17.85 -24.65 -20.33
N ASN B 327 18.26 -25.91 -20.54
CA ASN B 327 18.56 -26.79 -19.42
C ASN B 327 20.06 -26.99 -19.23
N ARG B 328 20.79 -25.88 -19.08
CA ARG B 328 22.24 -25.97 -18.91
C ARG B 328 22.63 -25.70 -17.47
N ASN B 329 23.43 -26.61 -16.92
CA ASN B 329 23.91 -26.49 -15.55
C ASN B 329 25.43 -26.60 -15.57
N ASP B 330 26.10 -25.50 -15.87
CA ASP B 330 27.56 -25.49 -15.94
C ASP B 330 28.15 -24.15 -15.52
N GLY B 331 27.32 -23.24 -15.04
CA GLY B 331 27.85 -21.95 -14.63
C GLY B 331 28.54 -21.17 -15.74
N GLN B 332 27.76 -20.88 -16.78
CA GLN B 332 28.25 -20.10 -17.91
C GLN B 332 27.28 -18.94 -18.01
N LEU B 333 27.81 -17.72 -17.94
CA LEU B 333 26.94 -16.54 -17.97
C LEU B 333 27.01 -15.72 -19.26
N LEU B 334 25.84 -15.43 -19.82
CA LEU B 334 25.75 -14.64 -21.04
C LEU B 334 26.14 -13.21 -20.76
N HIS B 335 26.93 -12.65 -21.67
CA HIS B 335 27.42 -11.29 -21.53
C HIS B 335 27.06 -10.60 -22.84
N ASN B 336 25.83 -10.78 -23.29
CA ASN B 336 25.40 -10.21 -24.57
C ASN B 336 24.31 -9.16 -24.42
N THR B 337 24.70 -7.89 -24.33
CA THR B 337 23.74 -6.80 -24.21
C THR B 337 24.22 -5.54 -24.94
N GLN B 338 25.04 -5.74 -25.98
CA GLN B 338 25.58 -4.63 -26.75
C GLN B 338 24.57 -3.95 -27.66
N ALA B 339 25.00 -2.83 -28.25
CA ALA B 339 24.16 -2.06 -29.16
C ALA B 339 24.27 -2.74 -30.54
N ARG B 340 25.48 -2.82 -31.05
CA ARG B 340 25.72 -3.46 -32.34
C ARG B 340 26.17 -4.90 -32.08
N ALA B 341 25.77 -5.83 -32.94
CA ALA B 341 26.18 -7.22 -32.75
C ALA B 341 27.67 -7.35 -33.11
N ALA B 342 28.20 -6.31 -33.76
CA ALA B 342 29.62 -6.28 -34.12
C ALA B 342 30.47 -6.24 -32.85
N ASP B 343 30.09 -5.37 -31.90
CA ASP B 343 30.78 -5.25 -30.62
C ASP B 343 30.26 -6.40 -29.77
N ALA B 344 30.99 -7.49 -29.68
CA ALA B 344 30.51 -8.57 -28.93
C ALA B 344 31.78 -9.11 -28.41
N ALA B 345 31.85 -8.96 -27.10
CA ALA B 345 33.00 -9.38 -26.36
C ALA B 345 32.68 -10.58 -25.48
N ASP B 346 33.74 -11.19 -24.99
CA ASP B 346 33.68 -12.33 -24.11
C ASP B 346 34.57 -11.95 -22.92
N ASP B 347 35.61 -11.17 -23.21
CA ASP B 347 36.57 -10.71 -22.20
C ASP B 347 36.19 -9.36 -21.57
N ARG B 348 36.43 -8.27 -22.30
CA ARG B 348 36.14 -6.91 -21.84
C ARG B 348 34.67 -6.70 -21.46
N PRO B 349 34.37 -5.69 -20.63
CA PRO B 349 32.98 -5.40 -20.23
C PRO B 349 32.37 -4.45 -21.28
N HIS B 350 31.12 -4.31 -21.42
CA HIS B 350 30.41 -3.60 -22.50
C HIS B 350 29.91 -2.19 -22.12
N ARG B 351 29.17 -2.13 -21.03
CA ARG B 351 28.42 -0.92 -20.67
C ARG B 351 29.25 0.25 -20.12
N GLY B 352 29.81 0.13 -18.98
CA GLY B 352 30.79 1.02 -18.40
C GLY B 352 30.71 1.03 -16.88
N ALA B 353 31.61 1.78 -16.26
CA ALA B 353 31.65 1.88 -14.81
C ALA B 353 30.34 2.40 -14.23
N ASP B 354 30.01 3.65 -14.54
CA ASP B 354 28.77 4.27 -14.04
C ASP B 354 27.54 3.38 -14.18
N TRP B 355 27.27 2.93 -15.41
CA TRP B 355 26.10 2.07 -15.69
C TRP B 355 25.74 1.23 -14.48
N THR B 356 26.53 0.15 -14.26
CA THR B 356 26.31 -0.76 -13.14
C THR B 356 25.94 -0.02 -11.85
N VAL B 357 26.62 1.10 -11.58
CA VAL B 357 26.30 1.88 -10.38
C VAL B 357 24.83 2.31 -10.39
N HIS B 358 24.46 3.14 -11.37
CA HIS B 358 23.09 3.63 -11.49
C HIS B 358 22.10 2.49 -11.34
N HIS B 359 22.49 1.31 -11.76
CA HIS B 359 21.59 0.17 -11.61
C HIS B 359 21.42 -0.12 -10.11
N LYS B 360 22.55 -0.33 -9.44
CA LYS B 360 22.55 -0.57 -8.02
C LYS B 360 21.76 0.54 -7.32
N ILE B 361 22.04 1.79 -7.67
CA ILE B 361 21.32 2.91 -7.08
C ILE B 361 19.83 2.73 -7.24
N TYR B 362 19.42 2.34 -8.45
CA TYR B 362 18.01 2.15 -8.78
C TYR B 362 17.41 0.99 -8.00
N TYR B 363 18.06 -0.17 -8.07
CA TYR B 363 17.56 -1.36 -7.40
C TYR B 363 17.59 -1.33 -5.87
N TYR B 364 18.65 -0.76 -5.31
CA TYR B 364 18.79 -0.70 -3.87
C TYR B 364 18.13 0.52 -3.24
N VAL B 365 17.83 1.54 -4.03
CA VAL B 365 17.21 2.73 -3.46
C VAL B 365 15.86 3.05 -4.05
N MET B 366 15.89 3.39 -5.35
CA MET B 366 14.72 3.77 -6.12
C MET B 366 13.59 2.75 -5.98
N VAL B 367 13.91 1.49 -6.23
CA VAL B 367 12.91 0.42 -6.16
C VAL B 367 12.23 0.43 -4.77
N PRO B 368 13.01 0.17 -3.69
CA PRO B 368 12.48 0.15 -2.32
C PRO B 368 11.71 1.43 -2.09
N ALA B 369 12.31 2.55 -2.47
CA ALA B 369 11.66 3.85 -2.31
C ALA B 369 10.19 3.79 -2.77
N PHE B 370 9.97 3.29 -4.00
CA PHE B 370 8.63 3.19 -4.59
C PHE B 370 7.80 1.96 -4.20
N SER B 371 8.46 0.80 -4.14
CA SER B 371 7.77 -0.45 -3.81
C SER B 371 7.55 -0.67 -2.30
N ARG B 372 8.34 0.01 -1.47
CA ARG B 372 8.24 -0.14 -0.01
C ARG B 372 8.21 -1.62 0.35
N GLY B 373 9.06 -2.41 -0.32
CA GLY B 373 9.12 -3.84 -0.05
C GLY B 373 8.10 -4.76 -0.71
N ARG B 374 6.92 -4.25 -1.05
CA ARG B 374 5.89 -5.08 -1.69
C ARG B 374 6.31 -5.37 -3.13
N CYS B 375 7.23 -6.32 -3.31
CA CYS B 375 7.72 -6.70 -4.64
C CYS B 375 8.83 -7.73 -4.43
N CYS B 376 9.25 -8.41 -5.49
CA CYS B 376 10.26 -9.45 -5.27
C CYS B 376 10.95 -9.94 -6.54
N THR B 377 12.22 -10.31 -6.41
CA THR B 377 12.98 -10.78 -7.56
C THR B 377 12.61 -12.23 -7.90
N ALA B 378 12.62 -12.55 -9.19
CA ALA B 378 12.28 -13.89 -9.66
C ALA B 378 13.14 -14.31 -10.85
N GLY B 379 13.34 -15.62 -10.97
CA GLY B 379 14.10 -16.15 -12.08
C GLY B 379 13.08 -16.44 -13.17
N VAL B 380 13.53 -16.45 -14.43
CA VAL B 380 12.63 -16.68 -15.57
C VAL B 380 12.81 -18.03 -16.29
N ARG B 381 11.68 -18.61 -16.73
CA ARG B 381 11.70 -19.89 -17.45
C ARG B 381 11.67 -19.52 -18.95
N PHE B 382 12.80 -19.06 -19.48
CA PHE B 382 12.86 -18.61 -20.86
C PHE B 382 12.17 -19.46 -21.92
N ASP B 383 12.23 -20.79 -21.79
CA ASP B 383 11.54 -21.63 -22.78
C ASP B 383 10.06 -21.23 -22.69
N ARG B 384 9.42 -21.53 -21.55
CA ARG B 384 8.03 -21.17 -21.36
C ARG B 384 7.68 -19.80 -21.94
N VAL B 385 8.58 -18.82 -21.77
CA VAL B 385 8.33 -17.45 -22.27
C VAL B 385 8.49 -17.47 -23.77
N TYR B 386 9.74 -17.46 -24.24
CA TYR B 386 10.04 -17.49 -25.66
C TYR B 386 8.95 -18.23 -26.45
N ALA B 387 8.52 -19.38 -25.93
CA ALA B 387 7.48 -20.16 -26.57
C ALA B 387 6.25 -19.29 -26.78
N THR B 388 5.32 -19.30 -25.83
CA THR B 388 4.10 -18.52 -25.96
C THR B 388 4.32 -17.14 -26.56
N LEU B 389 5.55 -16.64 -26.48
CA LEU B 389 5.87 -15.33 -27.06
C LEU B 389 5.82 -15.42 -28.59
N GLN B 390 6.66 -16.26 -29.17
CA GLN B 390 6.71 -16.44 -30.62
C GLN B 390 5.67 -17.45 -31.09
N ASN B 391 4.48 -17.35 -30.48
CA ASN B 391 3.33 -18.21 -30.78
C ASN B 391 2.14 -17.26 -31.01
N MET B 392 2.25 -16.41 -32.03
CA MET B 392 1.18 -15.45 -32.31
C MET B 392 0.29 -15.81 -33.51
N VAL B 393 -0.70 -14.96 -33.75
CA VAL B 393 -1.65 -15.13 -34.84
C VAL B 393 -1.88 -13.80 -35.57
N VAL B 394 -1.14 -13.60 -36.66
CA VAL B 394 -1.30 -12.38 -37.45
C VAL B 394 -1.92 -12.75 -38.79
N PRO B 395 -3.21 -12.41 -38.96
CA PRO B 395 -3.90 -12.73 -40.21
C PRO B 395 -3.20 -12.09 -41.41
N GLU B 396 -3.30 -12.76 -42.55
CA GLU B 396 -2.71 -12.31 -43.80
C GLU B 396 -3.28 -10.94 -44.16
N ILE B 397 -2.41 -9.98 -44.44
CA ILE B 397 -2.88 -8.64 -44.79
C ILE B 397 -3.67 -8.70 -46.09
N ALA B 398 -4.98 -8.45 -45.98
CA ALA B 398 -5.88 -8.49 -47.14
C ALA B 398 -5.27 -7.86 -48.40
N PRO B 399 -4.97 -8.69 -49.43
CA PRO B 399 -4.38 -8.21 -50.68
C PRO B 399 -5.05 -6.95 -51.22
N GLY B 400 -4.25 -5.89 -51.36
CA GLY B 400 -4.76 -4.63 -51.84
C GLY B 400 -5.06 -3.68 -50.69
N GLU B 401 -5.31 -4.27 -49.52
CA GLU B 401 -5.62 -3.52 -48.31
C GLU B 401 -4.36 -3.03 -47.57
N GLU B 402 -4.57 -2.07 -46.67
CA GLU B 402 -3.48 -1.54 -45.86
C GLU B 402 -3.51 -2.22 -44.49
N CYS B 403 -2.35 -2.26 -43.82
CA CYS B 403 -2.24 -2.89 -42.50
C CYS B 403 -3.32 -2.38 -41.53
N PRO B 404 -4.03 -3.30 -40.84
CA PRO B 404 -5.11 -3.00 -39.88
C PRO B 404 -4.66 -2.03 -38.79
N SER B 405 -5.34 -0.89 -38.69
CA SER B 405 -4.98 0.09 -37.67
C SER B 405 -5.79 -0.12 -36.37
N ASP B 406 -7.09 -0.35 -36.51
CA ASP B 406 -7.98 -0.54 -35.36
C ASP B 406 -8.42 -2.00 -35.15
N PRO B 407 -8.19 -2.54 -33.93
CA PRO B 407 -8.53 -3.92 -33.53
C PRO B 407 -9.96 -4.14 -33.01
N VAL B 408 -10.74 -3.07 -32.96
CA VAL B 408 -12.14 -3.16 -32.51
C VAL B 408 -13.04 -3.47 -33.70
N THR B 409 -12.58 -3.08 -34.89
CA THR B 409 -13.35 -3.26 -36.12
C THR B 409 -12.75 -4.23 -37.12
N ASP B 410 -11.71 -3.77 -37.83
CA ASP B 410 -11.04 -4.58 -38.84
C ASP B 410 -10.78 -6.01 -38.35
N PRO B 411 -11.59 -6.98 -38.78
CA PRO B 411 -11.40 -8.38 -38.36
C PRO B 411 -10.08 -9.00 -38.80
N ALA B 412 -9.22 -8.22 -39.43
CA ALA B 412 -7.91 -8.73 -39.88
C ALA B 412 -6.81 -8.23 -38.94
N HIS B 413 -7.22 -7.53 -37.88
CA HIS B 413 -6.29 -7.01 -36.88
C HIS B 413 -5.99 -8.12 -35.87
N PRO B 414 -4.72 -8.47 -35.69
CA PRO B 414 -4.36 -9.55 -34.74
C PRO B 414 -5.02 -9.45 -33.36
N LEU B 415 -5.45 -8.25 -32.97
CA LEU B 415 -6.08 -8.07 -31.67
C LEU B 415 -7.58 -7.88 -31.76
N HIS B 416 -8.16 -8.33 -32.86
CA HIS B 416 -9.59 -8.26 -33.00
C HIS B 416 -10.04 -9.55 -32.32
N PRO B 417 -11.08 -9.49 -31.46
CA PRO B 417 -11.57 -10.68 -30.78
C PRO B 417 -11.56 -11.92 -31.66
N ALA B 418 -12.12 -11.80 -32.85
CA ALA B 418 -12.16 -12.91 -33.82
C ALA B 418 -10.87 -13.73 -33.86
N ASN B 419 -9.72 -13.06 -33.75
CA ASN B 419 -8.40 -13.69 -33.81
C ASN B 419 -7.78 -14.15 -32.49
N LEU B 420 -8.31 -13.68 -31.37
CA LEU B 420 -7.77 -14.02 -30.05
C LEU B 420 -7.81 -15.50 -29.68
N VAL B 421 -6.79 -16.24 -30.11
CA VAL B 421 -6.70 -17.67 -29.79
C VAL B 421 -6.15 -17.87 -28.37
N ALA B 422 -6.79 -18.75 -27.60
CA ALA B 422 -6.34 -19.03 -26.22
C ALA B 422 -4.89 -19.55 -26.15
N ASN B 423 -4.14 -19.07 -25.14
CA ASN B 423 -2.75 -19.47 -24.96
C ASN B 423 -1.87 -18.93 -26.07
N THR B 424 -2.21 -17.74 -26.55
CA THR B 424 -1.48 -17.08 -27.62
C THR B 424 -1.13 -15.66 -27.21
N VAL B 425 0.09 -15.24 -27.52
CA VAL B 425 0.51 -13.89 -27.17
C VAL B 425 -0.58 -12.87 -27.50
N ASN B 426 -1.41 -13.18 -28.49
CA ASN B 426 -2.50 -12.27 -28.85
C ASN B 426 -3.39 -12.13 -27.63
N ALA B 427 -3.68 -13.26 -26.99
CA ALA B 427 -4.51 -13.27 -25.80
C ALA B 427 -3.95 -12.28 -24.79
N MET B 428 -2.72 -12.53 -24.39
CA MET B 428 -2.09 -11.66 -23.41
C MET B 428 -2.31 -10.19 -23.72
N PHE B 429 -1.83 -9.73 -24.87
CA PHE B 429 -1.98 -8.31 -25.20
C PHE B 429 -3.40 -7.84 -24.96
N HIS B 430 -4.33 -8.76 -25.12
CA HIS B 430 -5.72 -8.41 -24.94
C HIS B 430 -6.05 -8.20 -23.48
N ASN B 431 -5.63 -9.15 -22.64
CA ASN B 431 -5.89 -9.07 -21.21
C ASN B 431 -5.27 -7.80 -20.62
N GLY B 432 -4.06 -7.49 -21.08
CA GLY B 432 -3.39 -6.29 -20.58
C GLY B 432 -4.01 -5.00 -21.09
N ARG B 433 -5.08 -5.11 -21.87
CA ARG B 433 -5.71 -3.93 -22.45
C ARG B 433 -4.62 -3.20 -23.22
N VAL B 434 -3.75 -3.97 -23.88
CA VAL B 434 -2.65 -3.42 -24.68
C VAL B 434 -3.01 -3.39 -26.16
N VAL B 435 -2.65 -2.32 -26.85
CA VAL B 435 -2.95 -2.18 -28.28
C VAL B 435 -1.71 -2.16 -29.16
N VAL B 436 -1.42 -3.30 -29.77
CA VAL B 436 -0.26 -3.44 -30.64
C VAL B 436 -0.69 -3.97 -31.99
N ASP B 437 -0.26 -3.34 -33.08
CA ASP B 437 -0.63 -3.83 -34.41
C ASP B 437 0.22 -5.03 -34.86
N GLY B 438 -0.11 -5.57 -36.04
CA GLY B 438 0.58 -6.73 -36.57
C GLY B 438 2.07 -6.67 -36.80
N PRO B 439 2.57 -5.73 -37.60
CA PRO B 439 4.02 -5.60 -37.87
C PRO B 439 4.81 -5.56 -36.56
N ALA B 440 4.36 -4.70 -35.65
CA ALA B 440 4.98 -4.56 -34.34
C ALA B 440 5.11 -5.95 -33.78
N MET B 441 3.97 -6.64 -33.68
CA MET B 441 3.93 -8.02 -33.16
C MET B 441 4.97 -8.91 -33.87
N LEU B 442 5.12 -8.75 -35.18
CA LEU B 442 6.07 -9.59 -35.91
C LEU B 442 7.54 -9.36 -35.57
N THR B 443 7.91 -8.15 -35.15
CA THR B 443 9.32 -7.88 -34.83
C THR B 443 9.91 -8.98 -33.93
N LEU B 444 9.04 -9.61 -33.15
CA LEU B 444 9.46 -10.70 -32.25
C LEU B 444 10.21 -11.78 -33.01
N GLN B 445 10.34 -11.64 -34.32
CA GLN B 445 11.06 -12.67 -35.04
C GLN B 445 12.52 -12.60 -34.61
N VAL B 446 12.96 -11.40 -34.21
CA VAL B 446 14.35 -11.19 -33.78
C VAL B 446 14.85 -12.15 -32.69
N LEU B 447 14.03 -12.34 -31.65
CA LEU B 447 14.37 -13.19 -30.50
C LEU B 447 15.12 -14.47 -30.83
N ALA B 448 14.82 -15.06 -31.98
CA ALA B 448 15.50 -16.28 -32.36
C ALA B 448 17.00 -15.98 -32.60
N HIS B 449 17.29 -14.76 -33.02
CA HIS B 449 18.67 -14.36 -33.29
C HIS B 449 19.50 -14.01 -32.05
N ASN B 450 18.90 -13.27 -31.11
CA ASN B 450 19.60 -12.85 -29.91
C ASN B 450 18.80 -13.18 -28.65
N MET B 451 19.11 -14.31 -28.02
CA MET B 451 18.36 -14.67 -26.84
C MET B 451 19.18 -15.08 -25.62
N ALA B 452 18.52 -15.07 -24.46
CA ALA B 452 19.11 -15.45 -23.17
C ALA B 452 18.46 -16.77 -22.75
N GLU B 453 19.28 -17.74 -22.34
CA GLU B 453 18.79 -19.07 -21.96
C GLU B 453 18.34 -19.31 -20.51
N ARG B 454 19.30 -19.26 -19.60
CA ARG B 454 19.04 -19.53 -18.19
C ARG B 454 19.30 -18.39 -17.22
N THR B 455 18.46 -18.31 -16.18
CA THR B 455 18.59 -17.31 -15.12
C THR B 455 19.44 -17.95 -14.01
N THR B 456 20.65 -17.46 -13.80
CA THR B 456 21.55 -18.04 -12.81
C THR B 456 21.61 -17.35 -11.45
N ALA B 457 21.69 -18.16 -10.39
CA ALA B 457 21.76 -17.66 -9.01
C ALA B 457 23.21 -17.29 -8.68
N LEU B 458 23.43 -16.05 -8.27
CA LEU B 458 24.78 -15.59 -7.97
C LEU B 458 25.06 -15.29 -6.50
N LEU B 459 26.08 -15.94 -5.95
CA LEU B 459 26.49 -15.72 -4.56
C LEU B 459 27.93 -15.26 -4.58
N CYS B 460 28.15 -13.98 -4.28
CA CYS B 460 29.51 -13.45 -4.27
C CYS B 460 29.91 -13.03 -2.84
N SER B 461 31.17 -12.67 -2.63
CA SER B 461 31.62 -12.26 -1.30
C SER B 461 33.03 -11.71 -1.23
N ALA B 462 33.41 -11.28 -0.03
CA ALA B 462 34.74 -10.74 0.24
C ALA B 462 34.89 -10.17 1.65
N ALA B 463 36.14 -9.96 2.06
CA ALA B 463 36.46 -9.39 3.36
C ALA B 463 36.38 -7.87 3.16
N PRO B 464 36.12 -7.13 4.24
CA PRO B 464 36.00 -5.66 4.25
C PRO B 464 37.15 -4.87 3.64
N ASP B 465 36.86 -3.65 3.19
CA ASP B 465 37.86 -2.77 2.57
C ASP B 465 38.82 -2.12 3.58
N ALA B 466 38.51 -0.90 3.99
CA ALA B 466 39.33 -0.15 4.94
C ALA B 466 39.24 -0.78 6.33
N GLY B 467 39.20 -2.11 6.36
CA GLY B 467 39.11 -2.82 7.63
C GLY B 467 40.16 -3.90 7.68
N THR B 470 40.96 -2.67 11.79
CA THR B 470 40.00 -3.70 12.15
C THR B 470 40.71 -5.04 12.32
N ALA B 471 40.90 -5.47 13.56
CA ALA B 471 41.57 -6.74 13.83
C ALA B 471 40.55 -7.87 13.82
N ASN B 475 37.48 -11.96 9.51
CA ASN B 475 37.35 -13.39 9.76
C ASN B 475 36.00 -13.87 9.50
N MET B 476 35.18 -12.96 9.14
CA MET B 476 33.82 -13.19 8.83
C MET B 476 33.69 -12.33 7.61
N ARG B 477 33.36 -12.90 6.49
CA ARG B 477 33.32 -12.15 5.23
C ARG B 477 31.90 -11.77 4.86
N ILE B 478 31.77 -10.70 4.09
CA ILE B 478 30.48 -10.21 3.67
C ILE B 478 29.89 -11.01 2.53
N PHE B 479 28.61 -11.36 2.66
CA PHE B 479 27.94 -12.14 1.63
C PHE B 479 26.80 -11.39 0.98
N ASP B 480 26.73 -11.48 -0.34
CA ASP B 480 25.69 -10.82 -1.10
C ASP B 480 25.19 -11.69 -2.25
N GLY B 481 23.87 -11.70 -2.43
CA GLY B 481 23.27 -12.47 -3.50
C GLY B 481 22.92 -11.63 -4.70
N ALA B 482 22.48 -12.28 -5.77
CA ALA B 482 22.11 -11.59 -7.00
C ALA B 482 21.70 -12.61 -8.06
N LEU B 483 20.89 -12.16 -9.01
CA LEU B 483 20.44 -13.02 -10.08
C LEU B 483 20.94 -12.52 -11.42
N HIS B 484 21.40 -13.46 -12.24
CA HIS B 484 21.90 -13.12 -13.57
C HIS B 484 20.71 -12.73 -14.42
N ALA B 485 20.08 -13.71 -15.03
CA ALA B 485 18.94 -13.40 -15.85
C ALA B 485 17.69 -13.42 -14.97
N GLY B 486 17.44 -12.33 -14.26
CA GLY B 486 16.27 -12.31 -13.40
C GLY B 486 15.52 -10.99 -13.49
N ILE B 487 14.26 -10.96 -13.08
CA ILE B 487 13.50 -9.71 -13.15
C ILE B 487 12.72 -9.45 -11.86
N LEU B 488 12.44 -8.18 -11.60
CA LEU B 488 11.71 -7.83 -10.39
C LEU B 488 10.18 -7.80 -10.54
N LEU B 489 9.49 -8.82 -10.04
CA LEU B 489 8.01 -8.84 -10.10
C LEU B 489 7.46 -7.71 -9.19
N MET B 490 6.94 -6.64 -9.79
CA MET B 490 6.48 -5.42 -9.01
C MET B 490 5.34 -5.52 -7.95
N ALA B 491 4.11 -5.46 -8.46
CA ALA B 491 2.93 -5.62 -7.64
C ALA B 491 2.75 -7.13 -7.71
N PRO B 492 1.92 -7.69 -6.83
CA PRO B 492 1.69 -9.14 -6.83
C PRO B 492 0.43 -9.41 -7.65
N GLN B 493 0.61 -10.06 -8.81
CA GLN B 493 -0.52 -10.36 -9.69
C GLN B 493 -1.47 -11.37 -9.06
N HIS B 494 -2.71 -11.40 -9.51
CA HIS B 494 -3.71 -12.33 -8.97
C HIS B 494 -3.16 -13.74 -8.82
N GLY B 502 3.31 -19.52 -11.22
CA GLY B 502 4.60 -20.07 -11.57
C GLY B 502 4.71 -20.44 -13.05
N ASP B 503 3.76 -19.98 -13.85
CA ASP B 503 3.74 -20.27 -15.28
C ASP B 503 5.08 -19.94 -15.95
N TYR B 504 5.37 -18.65 -16.08
CA TYR B 504 6.62 -18.22 -16.72
C TYR B 504 7.73 -17.84 -15.75
N PHE B 505 7.35 -17.18 -14.67
CA PHE B 505 8.31 -16.71 -13.67
C PHE B 505 8.19 -17.40 -12.32
N TYR B 506 9.33 -17.58 -11.66
CA TYR B 506 9.34 -18.23 -10.34
C TYR B 506 10.00 -17.35 -9.25
N PRO B 507 9.28 -17.11 -8.14
CA PRO B 507 9.81 -16.28 -7.04
C PRO B 507 11.12 -16.85 -6.52
N LEU B 508 12.06 -15.97 -6.21
CA LEU B 508 13.37 -16.35 -5.68
C LEU B 508 14.07 -15.09 -5.20
N PRO B 509 13.70 -14.58 -4.01
CA PRO B 509 14.28 -13.37 -3.43
C PRO B 509 15.79 -13.47 -3.19
N VAL B 510 16.55 -12.50 -3.69
CA VAL B 510 17.99 -12.51 -3.48
C VAL B 510 18.33 -11.71 -2.25
N HIS B 511 17.36 -10.95 -1.75
CA HIS B 511 17.64 -10.11 -0.60
C HIS B 511 16.39 -9.59 0.15
N ALA B 512 16.49 -9.58 1.48
CA ALA B 512 15.38 -9.14 2.33
C ALA B 512 14.61 -7.98 1.71
N LEU B 513 15.33 -7.06 1.07
CA LEU B 513 14.70 -5.89 0.46
C LEU B 513 13.62 -6.20 -0.58
N PHE B 514 13.77 -7.33 -1.27
CA PHE B 514 12.83 -7.77 -2.30
C PHE B 514 12.37 -9.20 -2.00
N ALA B 515 11.25 -9.34 -1.32
CA ALA B 515 10.79 -10.69 -1.02
C ALA B 515 9.37 -10.67 -0.50
N GLY B 516 8.52 -9.75 -1.04
CA GLY B 516 7.14 -9.63 -0.62
C GLY B 516 6.50 -10.96 -0.27
N ALA B 517 5.83 -11.01 0.87
CA ALA B 517 5.19 -12.24 1.31
C ALA B 517 4.34 -12.80 0.18
N ASP B 518 3.38 -11.99 -0.25
CA ASP B 518 2.45 -12.35 -1.29
C ASP B 518 3.04 -13.15 -2.46
N HIS B 519 4.15 -12.69 -3.01
CA HIS B 519 4.75 -13.42 -4.12
C HIS B 519 5.23 -14.79 -3.70
N VAL B 520 5.92 -14.87 -2.56
CA VAL B 520 6.45 -16.14 -2.09
C VAL B 520 5.41 -17.04 -1.42
N ALA B 521 4.51 -16.43 -0.65
CA ALA B 521 3.47 -17.16 0.06
C ALA B 521 2.44 -17.75 -0.88
N ASN B 522 2.09 -17.02 -1.93
CA ASN B 522 1.11 -17.52 -2.88
C ASN B 522 1.78 -18.29 -4.00
N ALA B 523 3.05 -18.66 -3.81
CA ALA B 523 3.79 -19.41 -4.83
C ALA B 523 3.17 -20.80 -5.03
N PRO B 524 3.64 -21.55 -6.04
CA PRO B 524 3.11 -22.89 -6.30
C PRO B 524 3.18 -23.91 -5.15
N ASN B 525 4.39 -24.35 -4.81
CA ASN B 525 4.57 -25.34 -3.74
C ASN B 525 4.95 -24.69 -2.42
N PHE B 526 4.12 -23.81 -1.89
CA PHE B 526 4.47 -23.16 -0.64
C PHE B 526 3.86 -23.85 0.58
N PRO B 527 4.70 -24.41 1.47
CA PRO B 527 4.25 -25.10 2.70
C PRO B 527 3.25 -24.24 3.47
N PRO B 528 1.96 -24.63 3.48
CA PRO B 528 0.89 -23.91 4.17
C PRO B 528 1.21 -23.65 5.63
N ALA B 529 2.17 -24.39 6.15
CA ALA B 529 2.58 -24.24 7.55
C ALA B 529 3.25 -22.89 7.74
N LEU B 530 4.26 -22.62 6.93
CA LEU B 530 5.03 -21.38 6.98
C LEU B 530 4.27 -20.12 6.59
N ARG B 531 3.06 -20.27 6.05
CA ARG B 531 2.25 -19.13 5.63
C ARG B 531 2.24 -18.01 6.68
N ASP B 532 2.09 -18.41 7.93
CA ASP B 532 2.06 -17.48 9.05
C ASP B 532 3.42 -16.76 9.20
N LEU B 533 4.47 -17.56 9.33
CA LEU B 533 5.84 -17.06 9.49
C LEU B 533 6.21 -16.02 8.44
N SER B 534 6.07 -16.43 7.17
CA SER B 534 6.38 -15.62 5.99
C SER B 534 5.68 -14.27 5.99
N ARG B 535 4.49 -14.26 6.60
CA ARG B 535 3.70 -13.05 6.69
C ARG B 535 4.42 -11.97 7.50
N GLN B 536 5.64 -12.26 7.98
CA GLN B 536 6.39 -11.30 8.79
C GLN B 536 7.90 -11.54 8.83
N VAL B 537 8.40 -12.44 7.99
CA VAL B 537 9.82 -12.75 8.00
C VAL B 537 10.41 -13.07 6.63
N PRO B 538 11.20 -12.14 6.07
CA PRO B 538 11.84 -12.31 4.76
C PRO B 538 12.41 -13.71 4.56
N LEU B 539 12.05 -14.34 3.45
CA LEU B 539 12.50 -15.70 3.17
C LEU B 539 13.66 -15.86 2.20
N VAL B 540 14.62 -14.95 2.24
CA VAL B 540 15.78 -15.07 1.35
C VAL B 540 16.58 -16.36 1.55
N PRO B 541 16.59 -17.26 0.54
CA PRO B 541 17.32 -18.53 0.62
C PRO B 541 18.74 -18.43 1.17
N PRO B 542 19.06 -19.26 2.18
CA PRO B 542 20.40 -19.22 2.75
C PRO B 542 21.46 -19.43 1.66
N ALA B 543 21.04 -19.93 0.50
CA ALA B 543 21.97 -20.14 -0.60
C ALA B 543 22.32 -18.79 -1.25
N LEU B 544 21.46 -17.80 -1.02
CA LEU B 544 21.64 -16.45 -1.56
C LEU B 544 22.08 -15.43 -0.50
N GLY B 545 22.41 -15.91 0.69
CA GLY B 545 22.86 -15.02 1.75
C GLY B 545 22.04 -15.05 3.02
N ALA B 546 22.60 -14.47 4.08
CA ALA B 546 21.96 -14.40 5.39
C ALA B 546 22.04 -12.96 5.90
N ASN B 547 20.98 -12.54 6.59
CA ASN B 547 20.90 -11.18 7.12
C ASN B 547 22.14 -10.65 7.80
N TYR B 548 22.66 -11.41 8.75
CA TYR B 548 23.84 -10.96 9.48
C TYR B 548 25.11 -10.82 8.63
N PHE B 549 25.00 -11.00 7.31
CA PHE B 549 26.17 -10.84 6.45
C PHE B 549 25.94 -9.91 5.26
N SER B 550 24.67 -9.60 4.97
CA SER B 550 24.34 -8.71 3.85
C SER B 550 25.02 -7.35 3.99
N SER B 551 25.53 -6.79 2.90
CA SER B 551 26.15 -5.46 2.95
C SER B 551 25.06 -4.49 3.40
N ILE B 552 23.85 -5.01 3.58
CA ILE B 552 22.72 -4.19 4.00
C ILE B 552 21.65 -5.06 4.69
N ARG B 553 21.60 -4.97 6.02
CA ARG B 553 20.68 -5.79 6.80
C ARG B 553 19.32 -5.20 7.15
N GLN B 554 18.56 -6.04 7.86
CA GLN B 554 17.19 -5.73 8.26
C GLN B 554 16.86 -4.29 8.64
N PRO B 555 17.67 -3.65 9.49
CA PRO B 555 17.35 -2.25 9.85
C PRO B 555 16.87 -1.48 8.65
N VAL B 556 17.69 -1.44 7.59
CA VAL B 556 17.31 -0.73 6.37
C VAL B 556 15.94 -1.19 5.89
N VAL B 557 15.82 -2.49 5.65
CA VAL B 557 14.55 -3.06 5.23
C VAL B 557 13.46 -2.47 6.10
N GLN B 558 13.54 -2.84 7.37
CA GLN B 558 12.60 -2.39 8.38
C GLN B 558 12.33 -0.90 8.23
N HIS B 559 13.40 -0.15 7.93
CA HIS B 559 13.24 1.28 7.76
C HIS B 559 12.17 1.52 6.71
N VAL B 560 12.48 1.16 5.47
CA VAL B 560 11.57 1.32 4.34
C VAL B 560 10.14 0.96 4.74
N ARG B 561 9.96 -0.32 5.07
CA ARG B 561 8.65 -0.84 5.46
C ARG B 561 7.83 0.12 6.32
N GLU B 562 8.43 0.74 7.32
CA GLU B 562 7.66 1.65 8.16
C GLU B 562 7.89 3.16 7.93
N SER B 563 8.95 3.53 7.22
CA SER B 563 9.21 4.95 6.96
C SER B 563 7.95 5.60 6.42
N ALA B 564 7.79 6.88 6.67
CA ALA B 564 6.60 7.56 6.17
C ALA B 564 6.96 8.88 5.51
N ALA B 565 7.81 8.82 4.50
CA ALA B 565 8.22 10.03 3.79
C ALA B 565 7.87 10.00 2.31
N GLY B 566 7.83 11.18 1.69
CA GLY B 566 7.56 11.20 0.27
C GLY B 566 8.74 10.48 -0.33
N GLU B 567 8.59 9.93 -1.53
CA GLU B 567 9.70 9.22 -2.17
C GLU B 567 10.97 10.07 -2.23
N ASN B 568 10.89 11.28 -2.76
CA ASN B 568 12.06 12.15 -2.86
C ASN B 568 12.86 12.15 -1.56
N ALA B 569 12.17 12.38 -0.45
CA ALA B 569 12.80 12.39 0.86
C ALA B 569 13.41 11.01 1.08
N LEU B 570 12.53 10.05 1.35
CA LEU B 570 12.91 8.66 1.58
C LEU B 570 14.00 8.18 0.62
N THR B 571 14.16 8.85 -0.51
CA THR B 571 15.18 8.43 -1.45
C THR B 571 16.53 8.79 -0.89
N TYR B 572 16.76 10.09 -0.76
CA TYR B 572 18.00 10.63 -0.22
C TYR B 572 18.28 9.96 1.13
N ALA B 573 17.23 9.81 1.92
CA ALA B 573 17.36 9.16 3.21
C ALA B 573 18.22 7.92 2.99
N LEU B 574 17.68 6.95 2.25
CA LEU B 574 18.37 5.70 1.97
C LEU B 574 19.78 5.94 1.43
N MET B 575 19.89 6.70 0.33
CA MET B 575 21.20 6.95 -0.27
C MET B 575 22.22 7.31 0.81
N ALA B 576 21.76 8.01 1.85
CA ALA B 576 22.64 8.42 2.95
C ALA B 576 22.99 7.18 3.78
N GLY B 577 21.97 6.54 4.32
CA GLY B 577 22.19 5.34 5.10
C GLY B 577 23.18 4.43 4.40
N TYR B 578 23.35 4.61 3.10
CA TYR B 578 24.29 3.74 2.39
C TYR B 578 25.76 4.13 2.45
N PHE B 579 26.11 5.09 3.30
CA PHE B 579 27.52 5.46 3.41
C PHE B 579 28.22 4.44 4.27
N LYS B 580 29.54 4.37 4.14
CA LYS B 580 30.27 3.39 4.91
C LYS B 580 30.38 3.78 6.38
N ILE B 581 31.17 2.99 7.11
CA ILE B 581 31.36 3.19 8.52
C ILE B 581 32.83 3.14 8.95
N SER B 582 33.70 2.67 8.06
CA SER B 582 35.13 2.61 8.36
C SER B 582 35.63 4.00 8.78
N PRO B 583 36.80 4.07 9.42
CA PRO B 583 37.34 5.35 9.85
C PRO B 583 37.43 6.33 8.67
N VAL B 584 38.06 5.88 7.58
CA VAL B 584 38.20 6.70 6.38
C VAL B 584 36.88 7.31 5.94
N ALA B 585 35.88 6.43 5.83
CA ALA B 585 34.54 6.85 5.44
C ALA B 585 34.17 8.01 6.34
N LEU B 586 34.26 7.74 7.65
CA LEU B 586 33.91 8.75 8.64
C LEU B 586 34.74 9.99 8.48
N HIS B 587 35.99 9.80 8.06
CA HIS B 587 36.87 10.92 7.83
C HIS B 587 36.18 11.84 6.82
N HIS B 588 35.90 11.28 5.64
CA HIS B 588 35.25 12.02 4.55
C HIS B 588 33.92 12.56 5.02
N GLN B 589 33.00 11.65 5.36
CA GLN B 589 31.67 12.03 5.80
C GLN B 589 31.71 13.20 6.78
N LEU B 590 32.77 13.23 7.59
CA LEU B 590 32.98 14.29 8.57
C LEU B 590 33.43 15.58 7.93
N LYS B 591 34.49 15.49 7.14
CA LYS B 591 35.04 16.65 6.45
C LYS B 591 33.97 17.35 5.60
N THR B 592 33.37 16.61 4.66
CA THR B 592 32.33 17.14 3.75
C THR B 592 31.12 17.63 4.52
N GLY B 593 30.90 17.03 5.67
CA GLY B 593 29.80 17.45 6.51
C GLY B 593 28.55 16.60 6.37
N LEU B 594 28.73 15.30 6.28
CA LEU B 594 27.58 14.45 6.13
C LEU B 594 26.66 14.56 7.35
N HIS B 595 27.18 14.25 8.52
CA HIS B 595 26.40 14.34 9.76
C HIS B 595 26.50 15.78 10.38
#